data_5IUW
#
_entry.id   5IUW
#
_cell.length_a   80.799
_cell.length_b   84.883
_cell.length_c   166.938
_cell.angle_alpha   90.00
_cell.angle_beta   90.00
_cell.angle_gamma   90.00
#
_symmetry.space_group_name_H-M   'P 2 21 21'
#
loop_
_entity.id
_entity.type
_entity.pdbx_description
1 polymer 'Aldehyde dehydrogenase family protein'
2 non-polymer NICOTINAMIDE-ADENINE-DINUCLEOTIDE
3 non-polymer '1H-INDOL-3-YLACETIC ACID'
4 water water
#
_entity_poly.entity_id   1
_entity_poly.type   'polypeptide(L)'
_entity_poly.pdbx_seq_one_letter_code
;MTTLTRADWEQRAQNLKIEGRAFIQGEYTAAASGETFDCISPVDGRLLAKVASCDAADAQRAVESARSAFDSGAWSRLAP
AKRKATMIRFAGLLEQNAEELALLETLDMGKPISDSLGVDIPGGARALSWSGEAIDKLYDEVAATPHDQLGLVTREPVGV
VAAIVPWNFPLMMACWKLGPALSTGNSVVLKPSEKSPLTAIRIAQLAIEAGIPAGVLNVLPGYGHTVGKALALHMDVDTV
VFTGSTKIAKQLMIYAGESNMKRVWLEAGGKSPNIVFADAPDLQAAADSAASAIAFNQGEVCTAGSRLLVERSIKDRFLP
MVIEALGTWKPGNPLDPATNVGALVDTQQMNTVLSYIAAGHTDGARLVAGGKQILQETGGTYVEPTIFDGVNNAMRIAQE
EIFGPVLSVLTFDTAEEAIQIANDTPYGLAAAVWTANLSKAHLTARALRAGSVWVNQYDGGDMTAPFGGFKQSGNGRDKS
LHAFDKYTELKSTWIKL
;
_entity_poly.pdbx_strand_id   A,B
#
loop_
_chem_comp.id
_chem_comp.type
_chem_comp.name
_chem_comp.formula
IAC non-polymer '1H-INDOL-3-YLACETIC ACID' 'C10 H9 N O2'
NAD non-polymer NICOTINAMIDE-ADENINE-DINUCLEOTIDE 'C21 H27 N7 O14 P2'
#
# COMPACT_ATOMS: atom_id res chain seq x y z
N THR A 3 -18.13 24.87 34.74
CA THR A 3 -18.57 23.68 34.03
C THR A 3 -20.05 23.78 33.65
N LEU A 4 -20.33 23.58 32.37
CA LEU A 4 -21.68 23.77 31.85
C LEU A 4 -22.61 22.66 32.30
N THR A 5 -23.84 23.04 32.60
CA THR A 5 -24.90 22.11 32.98
C THR A 5 -25.70 21.65 31.78
N ARG A 6 -26.63 20.72 31.99
CA ARG A 6 -27.52 20.27 30.92
C ARG A 6 -28.30 21.42 30.27
N ALA A 7 -28.86 22.28 31.11
CA ALA A 7 -29.66 23.39 30.61
C ALA A 7 -28.80 24.36 29.81
N ASP A 8 -27.56 24.56 30.24
CA ASP A 8 -26.58 25.34 29.48
C ASP A 8 -26.35 24.78 28.08
N TRP A 9 -26.11 23.48 28.00
CA TRP A 9 -25.91 22.83 26.72
C TRP A 9 -27.16 22.88 25.84
N GLU A 10 -28.34 22.75 26.45
CA GLU A 10 -29.57 22.80 25.68
C GLU A 10 -29.81 24.21 25.11
N GLN A 11 -29.51 25.23 25.90
CA GLN A 11 -29.58 26.61 25.42
C GLN A 11 -28.60 26.82 24.27
N ARG A 12 -27.39 26.29 24.42
CA ARG A 12 -26.38 26.48 23.40
C ARG A 12 -26.76 25.76 22.11
N ALA A 13 -27.35 24.58 22.26
CA ALA A 13 -27.81 23.82 21.11
C ALA A 13 -28.86 24.63 20.34
N GLN A 14 -29.81 25.21 21.07
CA GLN A 14 -30.84 26.03 20.46
C GLN A 14 -30.25 27.24 19.70
N ASN A 15 -29.16 27.79 20.22
CA ASN A 15 -28.62 29.05 19.71
C ASN A 15 -27.54 28.92 18.64
N LEU A 16 -27.19 27.69 18.28
CA LEU A 16 -26.28 27.48 17.16
C LEU A 16 -26.89 27.95 15.84
N LYS A 17 -26.08 28.64 15.03
CA LYS A 17 -26.36 28.70 13.60
C LYS A 17 -25.40 27.68 12.96
N ILE A 18 -25.96 26.75 12.21
CA ILE A 18 -25.20 25.62 11.68
C ILE A 18 -24.97 25.75 10.18
N GLU A 19 -23.71 25.72 9.77
CA GLU A 19 -23.36 25.80 8.34
C GLU A 19 -23.55 24.44 7.69
N GLY A 20 -24.20 24.42 6.53
CA GLY A 20 -24.46 23.19 5.80
C GLY A 20 -23.81 23.06 4.42
N ARG A 21 -23.15 24.11 3.97
CA ARG A 21 -22.60 24.10 2.61
C ARG A 21 -21.32 23.29 2.46
N ALA A 22 -21.00 22.92 1.22
CA ALA A 22 -19.70 22.39 0.86
C ALA A 22 -18.67 23.52 0.94
N PHE A 23 -17.39 23.17 0.87
CA PHE A 23 -16.32 24.17 0.91
C PHE A 23 -15.29 23.88 -0.18
N ILE A 24 -15.14 24.81 -1.13
CA ILE A 24 -14.22 24.63 -2.25
C ILE A 24 -13.46 25.92 -2.58
N GLN A 25 -12.14 25.83 -2.69
CA GLN A 25 -11.32 26.99 -3.05
C GLN A 25 -11.62 28.17 -2.10
N GLY A 26 -11.58 27.90 -0.80
CA GLY A 26 -11.66 28.94 0.20
C GLY A 26 -13.03 29.57 0.45
N GLU A 27 -14.07 29.02 -0.16
CA GLU A 27 -15.41 29.56 0.00
C GLU A 27 -16.45 28.47 0.20
N TYR A 28 -17.39 28.69 1.11
CA TYR A 28 -18.56 27.83 1.20
C TYR A 28 -19.38 27.96 -0.07
N THR A 29 -20.02 26.86 -0.46
CA THR A 29 -20.69 26.80 -1.73
C THR A 29 -21.80 25.76 -1.71
N ALA A 30 -22.84 26.00 -2.47
CA ALA A 30 -23.86 24.99 -2.72
C ALA A 30 -23.27 23.89 -3.61
N ALA A 31 -23.89 22.71 -3.60
CA ALA A 31 -23.58 21.69 -4.61
C ALA A 31 -24.00 22.24 -5.98
N ALA A 32 -23.32 21.80 -7.03
CA ALA A 32 -23.62 22.26 -8.38
C ALA A 32 -25.11 22.09 -8.74
N SER A 33 -25.69 20.99 -8.29
CA SER A 33 -27.10 20.68 -8.53
C SER A 33 -28.06 21.49 -7.66
N GLY A 34 -27.54 22.14 -6.64
CA GLY A 34 -28.37 22.87 -5.70
C GLY A 34 -29.09 21.96 -4.70
N GLU A 35 -28.88 20.65 -4.81
CA GLU A 35 -29.57 19.70 -3.95
C GLU A 35 -29.01 19.66 -2.54
N THR A 36 -29.85 19.29 -1.58
CA THR A 36 -29.42 19.13 -0.19
C THR A 36 -30.00 17.87 0.40
N PHE A 37 -29.48 17.45 1.54
CA PHE A 37 -30.13 16.42 2.31
C PHE A 37 -30.31 16.92 3.75
N ASP A 38 -31.31 16.37 4.42
CA ASP A 38 -31.64 16.78 5.77
C ASP A 38 -30.67 16.15 6.76
N CYS A 39 -30.10 16.97 7.62
CA CYS A 39 -29.24 16.47 8.68
C CYS A 39 -30.04 16.48 10.00
N ILE A 40 -30.43 15.28 10.43
CA ILE A 40 -31.34 15.13 11.56
C ILE A 40 -30.63 14.61 12.79
N SER A 41 -30.86 15.24 13.94
CA SER A 41 -30.23 14.80 15.18
C SER A 41 -30.87 13.54 15.76
N PRO A 42 -30.05 12.57 16.17
CA PRO A 42 -30.57 11.39 16.84
C PRO A 42 -30.89 11.63 18.32
N VAL A 43 -30.55 12.82 18.81
CA VAL A 43 -30.79 13.16 20.19
C VAL A 43 -32.30 13.22 20.47
N ASP A 44 -33.03 13.90 19.60
CA ASP A 44 -34.47 14.03 19.75
C ASP A 44 -35.19 13.99 18.40
N GLY A 45 -34.49 14.41 17.35
CA GLY A 45 -35.03 14.33 16.00
C GLY A 45 -35.10 15.65 15.28
N ARG A 46 -34.55 16.69 15.88
CA ARG A 46 -34.64 18.03 15.30
C ARG A 46 -33.83 18.17 14.02
N LEU A 47 -34.28 19.06 13.14
CA LEU A 47 -33.55 19.37 11.93
C LEU A 47 -32.39 20.31 12.24
N LEU A 48 -31.17 19.83 12.01
CA LEU A 48 -30.00 20.62 12.30
C LEU A 48 -29.68 21.55 11.14
N ALA A 49 -29.71 21.03 9.93
CA ALA A 49 -29.36 21.81 8.75
C ALA A 49 -29.74 21.09 7.47
N LYS A 50 -29.88 21.84 6.39
CA LYS A 50 -29.98 21.25 5.06
C LYS A 50 -28.58 21.29 4.44
N VAL A 51 -28.00 20.12 4.31
CA VAL A 51 -26.60 20.01 3.95
C VAL A 51 -26.42 19.76 2.45
N ALA A 52 -25.48 20.46 1.83
CA ALA A 52 -25.16 20.29 0.41
C ALA A 52 -24.91 18.81 0.06
N SER A 53 -25.58 18.34 -0.97
CA SER A 53 -25.49 16.96 -1.42
C SER A 53 -24.62 16.88 -2.67
N CYS A 54 -23.31 16.76 -2.48
CA CYS A 54 -22.40 16.84 -3.61
C CYS A 54 -22.44 15.59 -4.49
N ASP A 55 -22.02 15.75 -5.74
CA ASP A 55 -21.98 14.64 -6.68
C ASP A 55 -20.68 14.75 -7.49
N ALA A 56 -20.64 14.05 -8.63
CA ALA A 56 -19.42 13.93 -9.43
C ALA A 56 -18.88 15.28 -9.91
N ALA A 57 -19.78 16.21 -10.24
CA ALA A 57 -19.39 17.53 -10.71
C ALA A 57 -18.66 18.30 -9.62
N ASP A 58 -19.09 18.11 -8.38
CA ASP A 58 -18.45 18.80 -7.27
C ASP A 58 -17.09 18.19 -6.97
N ALA A 59 -17.00 16.87 -7.05
CA ALA A 59 -15.72 16.18 -6.95
C ALA A 59 -14.75 16.75 -7.97
N GLN A 60 -15.21 16.92 -9.21
CA GLN A 60 -14.37 17.47 -10.26
C GLN A 60 -13.89 18.88 -9.90
N ARG A 61 -14.79 19.74 -9.44
CA ARG A 61 -14.38 21.10 -9.13
C ARG A 61 -13.40 21.12 -7.96
N ALA A 62 -13.63 20.28 -6.95
CA ALA A 62 -12.77 20.25 -5.78
C ALA A 62 -11.38 19.68 -6.09
N VAL A 63 -11.33 18.70 -6.98
CA VAL A 63 -10.05 18.12 -7.37
C VAL A 63 -9.25 19.10 -8.22
N GLU A 64 -9.91 19.81 -9.13
CA GLU A 64 -9.25 20.85 -9.92
C GLU A 64 -8.67 21.93 -8.99
N SER A 65 -9.46 22.35 -8.01
CA SER A 65 -9.00 23.28 -7.00
C SER A 65 -7.82 22.72 -6.20
N ALA A 66 -7.91 21.45 -5.80
CA ALA A 66 -6.82 20.80 -5.05
C ALA A 66 -5.53 20.74 -5.87
N ARG A 67 -5.65 20.37 -7.14
CA ARG A 67 -4.51 20.20 -8.02
C ARG A 67 -3.77 21.51 -8.26
N SER A 68 -4.54 22.56 -8.51
CA SER A 68 -4.00 23.88 -8.77
C SER A 68 -3.32 24.46 -7.53
N ALA A 69 -3.94 24.26 -6.37
CA ALA A 69 -3.31 24.65 -5.11
C ALA A 69 -1.98 23.91 -4.93
N PHE A 70 -2.00 22.60 -5.15
CA PHE A 70 -0.79 21.79 -5.03
C PHE A 70 0.32 22.32 -5.94
N ASP A 71 -0.01 22.55 -7.21
CA ASP A 71 0.98 22.97 -8.20
C ASP A 71 1.56 24.37 -7.94
N SER A 72 0.78 25.24 -7.30
CA SER A 72 1.23 26.60 -7.02
C SER A 72 2.37 26.64 -5.99
N GLY A 73 2.50 25.57 -5.23
CA GLY A 73 3.47 25.50 -4.15
C GLY A 73 3.12 26.31 -2.91
N ALA A 74 1.94 26.93 -2.87
CA ALA A 74 1.61 27.82 -1.76
C ALA A 74 1.70 27.10 -0.42
N TRP A 75 1.36 25.83 -0.42
CA TRP A 75 1.45 25.00 0.78
C TRP A 75 2.47 23.88 0.59
N SER A 76 2.49 23.28 -0.60
CA SER A 76 3.35 22.13 -0.85
C SER A 76 4.83 22.50 -0.90
N ARG A 77 5.17 23.77 -1.13
CA ARG A 77 6.57 24.18 -1.11
C ARG A 77 6.85 25.21 -0.01
N LEU A 78 5.87 25.42 0.84
CA LEU A 78 6.05 26.20 2.06
C LEU A 78 7.08 25.55 2.99
N ALA A 79 7.95 26.34 3.58
CA ALA A 79 8.99 25.83 4.47
C ALA A 79 8.41 24.95 5.59
N PRO A 80 9.08 23.83 5.90
CA PRO A 80 8.67 22.88 6.95
C PRO A 80 8.29 23.56 8.25
N ALA A 81 9.09 24.54 8.68
CA ALA A 81 8.84 25.19 9.96
C ALA A 81 7.59 26.05 9.89
N LYS A 82 7.29 26.59 8.72
CA LYS A 82 6.07 27.36 8.52
C LYS A 82 4.83 26.46 8.43
N ARG A 83 4.94 25.30 7.79
CA ARG A 83 3.83 24.35 7.78
C ARG A 83 3.53 23.88 9.19
N LYS A 84 4.58 23.59 9.96
CA LYS A 84 4.46 23.24 11.37
C LYS A 84 3.64 24.27 12.17
N ALA A 85 4.03 25.54 12.08
CA ALA A 85 3.37 26.58 12.84
C ALA A 85 1.89 26.69 12.45
N THR A 86 1.61 26.59 11.17
CA THR A 86 0.23 26.64 10.70
C THR A 86 -0.60 25.49 11.26
N MET A 87 -0.05 24.27 11.23
CA MET A 87 -0.79 23.12 11.72
C MET A 87 -1.07 23.26 13.22
N ILE A 88 -0.12 23.79 13.95
CA ILE A 88 -0.30 23.99 15.37
C ILE A 88 -1.36 25.08 15.64
N ARG A 89 -1.39 26.14 14.83
CA ARG A 89 -2.46 27.14 14.92
C ARG A 89 -3.82 26.51 14.58
N PHE A 90 -3.85 25.69 13.54
CA PHE A 90 -5.05 24.94 13.16
C PHE A 90 -5.60 24.15 14.37
N ALA A 91 -4.74 23.36 15.00
CA ALA A 91 -5.11 22.62 16.22
C ALA A 91 -5.61 23.57 17.33
N GLY A 92 -4.92 24.70 17.48
CA GLY A 92 -5.29 25.71 18.47
C GLY A 92 -6.70 26.27 18.24
N LEU A 93 -7.09 26.39 16.97
CA LEU A 93 -8.42 26.90 16.66
C LEU A 93 -9.51 25.90 17.01
N LEU A 94 -9.22 24.61 16.80
CA LEU A 94 -10.15 23.56 17.22
C LEU A 94 -10.40 23.67 18.73
N GLU A 95 -9.31 23.84 19.49
CA GLU A 95 -9.42 23.93 20.94
C GLU A 95 -10.13 25.21 21.37
N GLN A 96 -9.82 26.31 20.69
CA GLN A 96 -10.49 27.58 20.94
C GLN A 96 -12.01 27.48 20.68
N ASN A 97 -12.39 26.62 19.74
CA ASN A 97 -13.79 26.45 19.38
C ASN A 97 -14.36 25.12 19.86
N ALA A 98 -13.75 24.58 20.91
CA ALA A 98 -14.09 23.24 21.40
C ALA A 98 -15.57 23.05 21.76
N GLU A 99 -16.18 24.02 22.43
CA GLU A 99 -17.55 23.81 22.91
C GLU A 99 -18.55 23.74 21.76
N GLU A 100 -18.38 24.59 20.76
CA GLU A 100 -19.19 24.51 19.55
C GLU A 100 -18.97 23.22 18.75
N LEU A 101 -17.72 22.85 18.52
CA LEU A 101 -17.41 21.65 17.77
C LEU A 101 -17.95 20.40 18.47
N ALA A 102 -17.80 20.35 19.79
CA ALA A 102 -18.26 19.20 20.55
C ALA A 102 -19.77 19.06 20.44
N LEU A 103 -20.44 20.21 20.53
CA LEU A 103 -21.89 20.28 20.46
C LEU A 103 -22.38 19.83 19.08
N LEU A 104 -21.73 20.33 18.02
CA LEU A 104 -22.07 19.87 16.68
C LEU A 104 -21.97 18.35 16.59
N GLU A 105 -20.86 17.80 17.06
CA GLU A 105 -20.66 16.35 17.06
C GLU A 105 -21.76 15.58 17.82
N THR A 106 -22.05 16.02 19.04
CA THR A 106 -23.09 15.39 19.85
C THR A 106 -24.47 15.48 19.19
N LEU A 107 -24.84 16.64 18.66
CA LEU A 107 -26.13 16.77 17.98
C LEU A 107 -26.17 15.97 16.69
N ASP A 108 -25.04 15.91 16.01
CA ASP A 108 -24.96 15.30 14.69
C ASP A 108 -25.09 13.78 14.74
N MET A 109 -24.47 13.14 15.74
CA MET A 109 -24.47 11.67 15.76
C MET A 109 -24.73 11.02 17.12
N GLY A 110 -25.03 11.85 18.12
CA GLY A 110 -25.58 11.33 19.37
C GLY A 110 -24.67 10.93 20.52
N LYS A 111 -23.36 11.08 20.35
CA LYS A 111 -22.46 10.72 21.45
C LYS A 111 -22.58 11.75 22.58
N PRO A 112 -22.33 11.31 23.82
CA PRO A 112 -22.50 12.20 24.98
C PRO A 112 -21.61 13.42 24.89
N ILE A 113 -22.14 14.57 25.33
CA ILE A 113 -21.43 15.84 25.23
C ILE A 113 -20.12 15.81 26.02
N SER A 114 -20.07 15.12 27.15
CA SER A 114 -18.83 15.04 27.91
C SER A 114 -17.76 14.24 27.16
N ASP A 115 -18.17 13.29 26.33
CA ASP A 115 -17.22 12.57 25.48
C ASP A 115 -16.72 13.42 24.32
N SER A 116 -17.65 14.14 23.67
CA SER A 116 -17.28 15.00 22.56
C SER A 116 -16.26 16.04 23.00
N LEU A 117 -16.50 16.59 24.18
CA LEU A 117 -15.68 17.67 24.69
C LEU A 117 -14.38 17.13 25.28
N GLY A 118 -14.44 16.00 25.94
CA GLY A 118 -13.29 15.47 26.65
C GLY A 118 -12.42 14.53 25.83
N VAL A 119 -12.99 13.91 24.80
CA VAL A 119 -12.24 12.92 24.03
C VAL A 119 -12.04 13.31 22.57
N ASP A 120 -13.13 13.57 21.86
CA ASP A 120 -13.06 13.80 20.41
C ASP A 120 -12.32 15.08 20.00
N ILE A 121 -12.73 16.22 20.54
CA ILE A 121 -12.12 17.48 20.16
C ILE A 121 -10.63 17.52 20.58
N PRO A 122 -10.30 17.19 21.85
CA PRO A 122 -8.86 17.15 22.16
C PRO A 122 -8.09 16.12 21.33
N GLY A 123 -8.71 14.98 21.05
CA GLY A 123 -8.08 13.96 20.25
C GLY A 123 -7.78 14.43 18.84
N GLY A 124 -8.72 15.20 18.27
CA GLY A 124 -8.56 15.71 16.93
C GLY A 124 -7.48 16.78 16.88
N ALA A 125 -7.52 17.68 17.84
CA ALA A 125 -6.53 18.74 17.95
C ALA A 125 -5.13 18.14 18.11
N ARG A 126 -5.03 17.12 18.96
CA ARG A 126 -3.76 16.47 19.25
C ARG A 126 -3.19 15.85 17.97
N ALA A 127 -4.04 15.23 17.16
CA ALA A 127 -3.61 14.67 15.88
C ALA A 127 -3.05 15.77 14.96
N LEU A 128 -3.71 16.93 14.93
CA LEU A 128 -3.24 18.01 14.08
C LEU A 128 -1.91 18.60 14.60
N SER A 129 -1.81 18.81 15.91
CA SER A 129 -0.61 19.49 16.43
C SER A 129 0.60 18.56 16.49
N TRP A 130 0.39 17.32 16.90
CA TRP A 130 1.47 16.34 16.95
C TRP A 130 2.07 16.12 15.56
N SER A 131 1.20 15.96 14.56
CA SER A 131 1.65 15.79 13.19
C SER A 131 2.44 17.01 12.71
N GLY A 132 1.95 18.21 13.01
CA GLY A 132 2.65 19.44 12.68
C GLY A 132 4.03 19.54 13.35
N GLU A 133 4.07 19.26 14.64
CA GLU A 133 5.31 19.26 15.39
C GLU A 133 6.37 18.33 14.78
N ALA A 134 5.92 17.27 14.11
CA ALA A 134 6.81 16.22 13.65
C ALA A 134 7.51 16.58 12.35
N ILE A 135 6.91 17.51 11.61
CA ILE A 135 7.31 17.77 10.22
C ILE A 135 8.81 18.00 10.07
N ASP A 136 9.38 18.88 10.87
CA ASP A 136 10.79 19.16 10.69
C ASP A 136 11.66 18.34 11.63
N LYS A 137 11.09 17.25 12.18
CA LYS A 137 11.88 16.30 12.98
C LYS A 137 12.18 15.05 12.15
N LEU A 138 11.58 14.97 10.97
CA LEU A 138 11.75 13.85 10.06
C LEU A 138 12.97 14.07 9.18
N TYR A 139 13.72 13.01 8.95
CA TYR A 139 14.88 13.03 8.05
C TYR A 139 14.76 11.95 6.98
N ASP A 140 15.06 12.33 5.74
CA ASP A 140 15.16 11.35 4.66
C ASP A 140 16.59 10.77 4.69
N GLU A 141 17.01 10.12 3.61
CA GLU A 141 18.21 9.28 3.69
C GLU A 141 19.28 9.53 2.62
N VAL A 142 20.52 9.25 2.98
CA VAL A 142 21.64 9.26 2.04
C VAL A 142 22.28 7.88 2.05
N ALA A 143 22.36 7.24 0.89
CA ALA A 143 22.84 5.87 0.81
C ALA A 143 24.37 5.76 0.89
N ALA A 144 24.88 4.62 1.34
CA ALA A 144 26.32 4.34 1.25
C ALA A 144 26.65 3.94 -0.18
N THR A 145 27.35 4.82 -0.89
CA THR A 145 27.66 4.65 -2.32
C THR A 145 29.16 4.78 -2.59
N PRO A 146 29.62 4.38 -3.79
CA PRO A 146 31.01 4.68 -4.17
C PRO A 146 31.31 6.18 -4.16
N HIS A 147 32.60 6.51 -4.18
CA HIS A 147 33.06 7.89 -3.98
C HIS A 147 32.59 8.86 -5.06
N ASP A 148 32.25 8.35 -6.25
CA ASP A 148 31.84 9.22 -7.34
C ASP A 148 30.32 9.25 -7.51
N GLN A 149 29.60 8.85 -6.46
CA GLN A 149 28.15 8.84 -6.48
C GLN A 149 27.59 9.49 -5.24
N LEU A 150 26.50 10.23 -5.39
CA LEU A 150 25.73 10.67 -4.25
C LEU A 150 24.31 10.13 -4.40
N GLY A 151 23.88 9.31 -3.45
CA GLY A 151 22.58 8.67 -3.54
C GLY A 151 21.60 9.20 -2.51
N LEU A 152 20.64 9.99 -2.96
CA LEU A 152 19.60 10.51 -2.09
C LEU A 152 18.30 9.71 -2.16
N VAL A 153 17.73 9.43 -0.99
CA VAL A 153 16.44 8.78 -0.90
C VAL A 153 15.50 9.69 -0.11
N THR A 154 14.65 10.40 -0.83
CA THR A 154 13.78 11.40 -0.23
C THR A 154 12.30 11.09 -0.43
N ARG A 155 11.48 11.80 0.33
CA ARG A 155 10.03 11.63 0.27
C ARG A 155 9.38 12.91 -0.20
N GLU A 156 8.34 12.76 -1.02
CA GLU A 156 7.63 13.88 -1.61
C GLU A 156 6.13 13.65 -1.47
N PRO A 157 5.35 14.72 -1.26
CA PRO A 157 3.89 14.61 -1.20
C PRO A 157 3.33 13.98 -2.47
N VAL A 158 2.29 13.15 -2.36
CA VAL A 158 1.75 12.51 -3.54
C VAL A 158 1.00 13.50 -4.44
N GLY A 159 0.39 14.52 -3.83
CA GLY A 159 -0.32 15.53 -4.58
C GLY A 159 -1.73 15.79 -4.06
N VAL A 160 -2.70 15.11 -4.65
CA VAL A 160 -4.09 15.29 -4.27
C VAL A 160 -4.57 14.04 -3.57
N VAL A 161 -5.05 14.23 -2.36
CA VAL A 161 -5.50 13.15 -1.50
C VAL A 161 -6.99 13.26 -1.26
N ALA A 162 -7.69 12.16 -1.45
CA ALA A 162 -9.08 12.11 -1.04
C ALA A 162 -9.17 11.38 0.30
N ALA A 163 -9.90 11.97 1.24
CA ALA A 163 -10.08 11.36 2.55
C ALA A 163 -11.57 11.14 2.80
N ILE A 164 -11.92 9.88 3.02
CA ILE A 164 -13.30 9.46 3.18
C ILE A 164 -13.46 8.83 4.56
N VAL A 165 -14.31 9.40 5.39
CA VAL A 165 -14.34 9.03 6.81
C VAL A 165 -15.75 8.67 7.32
N PRO A 166 -15.82 8.01 8.49
CA PRO A 166 -17.10 7.51 8.99
C PRO A 166 -17.71 8.44 10.03
N TRP A 167 -18.79 7.99 10.63
CA TRP A 167 -19.60 8.83 11.52
C TRP A 167 -19.35 8.61 13.02
N ASN A 168 -18.60 7.59 13.41
CA ASN A 168 -18.53 7.29 14.84
C ASN A 168 -17.59 8.22 15.63
N PHE A 169 -16.48 8.64 15.04
CA PHE A 169 -15.68 9.73 15.59
C PHE A 169 -15.41 10.71 14.45
N PRO A 170 -16.38 11.55 14.11
CA PRO A 170 -16.34 12.37 12.90
C PRO A 170 -15.11 13.29 12.84
N LEU A 171 -14.91 14.11 13.86
CA LEU A 171 -13.81 15.05 13.83
C LEU A 171 -12.47 14.37 14.05
N MET A 172 -12.41 13.44 14.99
CA MET A 172 -11.17 12.79 15.30
C MET A 172 -10.63 11.98 14.11
N MET A 173 -11.52 11.25 13.42
CA MET A 173 -11.08 10.44 12.29
C MET A 173 -10.63 11.33 11.14
N ALA A 174 -11.30 12.46 10.94
CA ALA A 174 -10.86 13.39 9.92
C ALA A 174 -9.47 13.95 10.25
N CYS A 175 -9.21 14.23 11.52
CA CYS A 175 -7.94 14.81 11.91
C CYS A 175 -6.79 13.80 11.80
N TRP A 176 -7.12 12.53 12.02
CA TRP A 176 -6.14 11.46 11.84
C TRP A 176 -5.62 11.43 10.40
N LYS A 177 -6.52 11.73 9.46
CA LYS A 177 -6.11 11.86 8.06
C LYS A 177 -5.45 13.22 7.79
N LEU A 178 -6.12 14.31 8.20
CA LEU A 178 -5.64 15.67 7.89
C LEU A 178 -4.27 16.01 8.47
N GLY A 179 -4.00 15.57 9.70
CA GLY A 179 -2.75 15.87 10.37
C GLY A 179 -1.55 15.55 9.48
N PRO A 180 -1.36 14.27 9.15
CA PRO A 180 -0.24 13.86 8.31
C PRO A 180 -0.40 14.24 6.84
N ALA A 181 -1.62 14.20 6.27
CA ALA A 181 -1.75 14.51 4.86
C ALA A 181 -1.40 15.97 4.60
N LEU A 182 -1.90 16.87 5.44
CA LEU A 182 -1.58 18.29 5.29
C LEU A 182 -0.14 18.62 5.68
N SER A 183 0.36 17.97 6.72
CA SER A 183 1.71 18.24 7.20
C SER A 183 2.75 17.94 6.12
N THR A 184 2.49 16.93 5.29
CA THR A 184 3.44 16.56 4.24
C THR A 184 3.32 17.42 2.98
N GLY A 185 2.33 18.30 2.95
CA GLY A 185 2.23 19.26 1.86
C GLY A 185 1.14 19.00 0.82
N ASN A 186 0.36 17.95 1.01
CA ASN A 186 -0.71 17.62 0.08
C ASN A 186 -1.91 18.57 0.12
N SER A 187 -2.65 18.64 -0.99
CA SER A 187 -4.02 19.13 -0.94
C SER A 187 -4.94 17.96 -0.62
N VAL A 188 -6.00 18.21 0.13
CA VAL A 188 -6.91 17.19 0.59
C VAL A 188 -8.35 17.53 0.22
N VAL A 189 -9.06 16.57 -0.35
CA VAL A 189 -10.50 16.67 -0.49
C VAL A 189 -11.14 15.74 0.52
N LEU A 190 -11.82 16.33 1.50
CA LEU A 190 -12.36 15.58 2.61
C LEU A 190 -13.84 15.29 2.39
N LYS A 191 -14.19 14.04 2.59
CA LYS A 191 -15.54 13.57 2.34
C LYS A 191 -16.14 12.92 3.59
N PRO A 192 -16.81 13.73 4.42
CA PRO A 192 -17.35 13.23 5.69
C PRO A 192 -18.54 12.32 5.47
N SER A 193 -18.86 11.50 6.46
CA SER A 193 -20.04 10.67 6.38
C SER A 193 -21.29 11.52 6.22
N GLU A 194 -22.25 11.03 5.46
CA GLU A 194 -23.53 11.72 5.35
C GLU A 194 -24.30 11.65 6.67
N LYS A 195 -23.85 10.80 7.59
CA LYS A 195 -24.48 10.70 8.91
C LYS A 195 -23.88 11.71 9.90
N SER A 196 -22.76 12.32 9.52
CA SER A 196 -22.11 13.29 10.41
C SER A 196 -21.27 14.32 9.66
N PRO A 197 -21.90 15.15 8.82
CA PRO A 197 -21.12 16.09 8.01
C PRO A 197 -20.71 17.38 8.71
N LEU A 198 -21.33 17.70 9.85
CA LEU A 198 -21.26 19.07 10.38
C LEU A 198 -19.87 19.56 10.84
N THR A 199 -19.10 18.75 11.56
CA THR A 199 -17.83 19.26 12.09
C THR A 199 -16.81 19.45 10.97
N ALA A 200 -16.87 18.60 9.95
CA ALA A 200 -15.94 18.70 8.84
C ALA A 200 -16.21 19.97 8.07
N ILE A 201 -17.49 20.25 7.87
CA ILE A 201 -17.90 21.49 7.25
C ILE A 201 -17.40 22.69 8.05
N ARG A 202 -17.53 22.60 9.37
CA ARG A 202 -17.16 23.73 10.20
C ARG A 202 -15.65 23.97 10.18
N ILE A 203 -14.84 22.92 10.25
CA ILE A 203 -13.41 23.17 10.40
C ILE A 203 -12.74 23.63 9.11
N ALA A 204 -13.47 23.56 8.00
CA ALA A 204 -12.92 24.03 6.73
C ALA A 204 -12.55 25.50 6.84
N GLN A 205 -13.42 26.24 7.51
CA GLN A 205 -13.21 27.65 7.77
C GLN A 205 -12.07 27.91 8.77
N LEU A 206 -11.98 27.07 9.80
CA LEU A 206 -10.89 27.23 10.76
C LEU A 206 -9.52 27.02 10.10
N ALA A 207 -9.48 26.16 9.08
CA ALA A 207 -8.23 25.89 8.36
C ALA A 207 -7.73 27.15 7.65
N ILE A 208 -8.64 27.83 6.97
CA ILE A 208 -8.35 29.11 6.33
C ILE A 208 -7.82 30.12 7.36
N GLU A 209 -8.52 30.23 8.49
CA GLU A 209 -8.11 31.15 9.55
C GLU A 209 -6.70 30.83 10.10
N ALA A 210 -6.36 29.54 10.17
CA ALA A 210 -5.04 29.11 10.64
C ALA A 210 -3.92 29.50 9.68
N GLY A 211 -4.26 29.64 8.40
CA GLY A 211 -3.29 30.00 7.38
C GLY A 211 -3.15 28.95 6.29
N ILE A 212 -3.99 27.93 6.31
CA ILE A 212 -4.02 26.98 5.20
C ILE A 212 -4.56 27.69 3.95
N PRO A 213 -3.79 27.68 2.86
CA PRO A 213 -4.19 28.38 1.62
C PRO A 213 -5.48 27.84 0.99
N ALA A 214 -6.21 28.73 0.33
CA ALA A 214 -7.38 28.37 -0.48
C ALA A 214 -7.07 27.22 -1.44
N GLY A 215 -7.94 26.21 -1.45
CA GLY A 215 -7.78 25.09 -2.36
C GLY A 215 -7.10 23.89 -1.75
N VAL A 216 -6.34 24.10 -0.68
CA VAL A 216 -5.58 23.04 -0.04
C VAL A 216 -6.46 22.08 0.78
N LEU A 217 -7.49 22.61 1.44
CA LEU A 217 -8.47 21.73 2.08
C LEU A 217 -9.88 22.05 1.60
N ASN A 218 -10.43 21.15 0.78
CA ASN A 218 -11.80 21.22 0.32
C ASN A 218 -12.64 20.16 1.00
N VAL A 219 -13.89 20.47 1.29
CA VAL A 219 -14.78 19.53 1.97
C VAL A 219 -16.09 19.31 1.20
N LEU A 220 -16.41 18.06 0.92
CA LEU A 220 -17.57 17.73 0.10
C LEU A 220 -18.53 16.80 0.85
N PRO A 221 -19.52 17.37 1.54
CA PRO A 221 -20.55 16.53 2.16
C PRO A 221 -21.40 15.89 1.09
N GLY A 222 -22.07 14.82 1.42
CA GLY A 222 -22.78 14.07 0.42
C GLY A 222 -22.68 12.58 0.64
N TYR A 223 -23.37 11.83 -0.20
CA TYR A 223 -23.47 10.41 -0.02
C TYR A 223 -22.22 9.66 -0.51
N GLY A 224 -21.99 8.49 0.06
CA GLY A 224 -20.87 7.66 -0.35
C GLY A 224 -20.96 7.25 -1.80
N HIS A 225 -22.15 6.80 -2.22
CA HIS A 225 -22.32 6.25 -3.56
C HIS A 225 -22.38 7.34 -4.64
N THR A 226 -22.41 8.60 -4.24
CA THR A 226 -22.34 9.67 -5.22
C THR A 226 -20.95 10.31 -5.20
N VAL A 227 -20.71 11.29 -4.32
CA VAL A 227 -19.46 12.03 -4.36
C VAL A 227 -18.28 11.18 -3.85
N GLY A 228 -18.56 10.24 -2.94
CA GLY A 228 -17.51 9.37 -2.43
C GLY A 228 -16.91 8.55 -3.55
N LYS A 229 -17.79 7.84 -4.26
CA LYS A 229 -17.44 7.03 -5.40
C LYS A 229 -16.75 7.85 -6.48
N ALA A 230 -17.26 9.07 -6.72
CA ALA A 230 -16.64 9.95 -7.71
C ALA A 230 -15.17 10.27 -7.35
N LEU A 231 -14.89 10.55 -6.08
CA LEU A 231 -13.50 10.76 -5.67
C LEU A 231 -12.62 9.50 -5.86
N ALA A 232 -13.16 8.35 -5.48
CA ALA A 232 -12.40 7.09 -5.57
C ALA A 232 -12.14 6.70 -7.01
N LEU A 233 -13.02 7.13 -7.92
CA LEU A 233 -12.85 6.85 -9.34
C LEU A 233 -12.14 7.99 -10.10
N HIS A 234 -11.80 9.07 -9.42
CA HIS A 234 -11.29 10.21 -10.15
C HIS A 234 -9.89 9.97 -10.68
N MET A 235 -9.65 10.37 -11.91
CA MET A 235 -8.40 10.07 -12.59
C MET A 235 -7.25 10.98 -12.16
N ASP A 236 -7.54 12.03 -11.40
CA ASP A 236 -6.48 12.94 -11.00
C ASP A 236 -6.35 13.02 -9.49
N VAL A 237 -6.92 12.04 -8.81
CA VAL A 237 -6.68 11.86 -7.38
C VAL A 237 -5.55 10.82 -7.23
N ASP A 238 -4.52 11.20 -6.48
CA ASP A 238 -3.33 10.36 -6.39
C ASP A 238 -3.48 9.25 -5.34
N THR A 239 -4.20 9.55 -4.28
CA THR A 239 -4.30 8.65 -3.15
C THR A 239 -5.66 8.78 -2.50
N VAL A 240 -6.28 7.67 -2.13
CA VAL A 240 -7.45 7.75 -1.27
C VAL A 240 -7.18 7.05 0.05
N VAL A 241 -7.51 7.72 1.15
CA VAL A 241 -7.43 7.11 2.47
C VAL A 241 -8.84 6.99 3.02
N PHE A 242 -9.09 5.90 3.74
CA PHE A 242 -10.45 5.53 4.06
C PHE A 242 -10.54 4.94 5.44
N THR A 243 -11.60 5.31 6.14
CA THR A 243 -11.96 4.66 7.36
C THR A 243 -13.46 4.39 7.33
N GLY A 244 -13.82 3.12 7.53
CA GLY A 244 -15.20 2.69 7.37
C GLY A 244 -15.35 1.19 7.34
N SER A 245 -16.42 0.72 6.73
CA SER A 245 -16.72 -0.71 6.67
C SER A 245 -15.80 -1.49 5.72
N THR A 246 -15.62 -2.76 6.04
CA THR A 246 -14.79 -3.64 5.24
C THR A 246 -15.40 -3.78 3.84
N LYS A 247 -16.72 -3.83 3.76
CA LYS A 247 -17.40 -3.92 2.46
C LYS A 247 -17.03 -2.78 1.51
N ILE A 248 -17.06 -1.55 2.03
CA ILE A 248 -16.77 -0.39 1.20
C ILE A 248 -15.26 -0.29 0.95
N ALA A 249 -14.46 -0.64 1.93
CA ALA A 249 -13.00 -0.63 1.76
C ALA A 249 -12.61 -1.43 0.53
N LYS A 250 -13.16 -2.64 0.40
CA LYS A 250 -12.90 -3.49 -0.75
C LYS A 250 -13.30 -2.83 -2.07
N GLN A 251 -14.49 -2.21 -2.06
CA GLN A 251 -15.00 -1.50 -3.24
C GLN A 251 -14.04 -0.42 -3.70
N LEU A 252 -13.41 0.24 -2.74
CA LEU A 252 -12.40 1.26 -3.06
C LEU A 252 -11.21 0.69 -3.83
N MET A 253 -10.78 -0.53 -3.50
CA MET A 253 -9.69 -1.16 -4.25
C MET A 253 -10.13 -1.38 -5.68
N ILE A 254 -11.37 -1.82 -5.83
CA ILE A 254 -11.94 -2.03 -7.15
C ILE A 254 -11.96 -0.72 -7.95
N TYR A 255 -12.49 0.35 -7.34
CA TYR A 255 -12.49 1.68 -7.97
C TYR A 255 -11.11 2.14 -8.42
N ALA A 256 -10.09 1.88 -7.61
CA ALA A 256 -8.76 2.29 -7.96
C ALA A 256 -8.25 1.48 -9.17
N GLY A 257 -8.57 0.20 -9.21
CA GLY A 257 -8.18 -0.62 -10.33
C GLY A 257 -8.90 -0.25 -11.61
N GLU A 258 -10.15 0.21 -11.49
CA GLU A 258 -10.96 0.63 -12.62
C GLU A 258 -10.54 1.98 -13.17
N SER A 259 -9.83 2.77 -12.38
CA SER A 259 -9.54 4.13 -12.80
C SER A 259 -8.04 4.32 -13.04
N ASN A 260 -7.33 4.86 -12.06
CA ASN A 260 -5.96 5.29 -12.32
C ASN A 260 -4.90 4.67 -11.43
N MET A 261 -5.18 3.53 -10.81
CA MET A 261 -4.22 2.86 -9.92
C MET A 261 -3.78 3.75 -8.76
N LYS A 262 -4.68 4.62 -8.29
CA LYS A 262 -4.35 5.47 -7.14
C LYS A 262 -3.98 4.59 -5.93
N ARG A 263 -3.17 5.11 -5.02
CA ARG A 263 -2.87 4.37 -3.80
C ARG A 263 -4.14 4.29 -2.96
N VAL A 264 -4.34 3.16 -2.32
CA VAL A 264 -5.52 2.98 -1.48
C VAL A 264 -5.09 2.54 -0.08
N TRP A 265 -5.47 3.31 0.93
CA TRP A 265 -5.13 2.97 2.30
C TRP A 265 -6.40 2.87 3.12
N LEU A 266 -6.55 1.73 3.78
CA LEU A 266 -7.83 1.36 4.37
C LEU A 266 -7.72 1.09 5.86
N GLU A 267 -8.66 1.67 6.61
CA GLU A 267 -8.89 1.30 8.00
C GLU A 267 -10.33 0.77 8.08
N ALA A 268 -10.49 -0.53 8.31
CA ALA A 268 -11.82 -1.12 8.21
C ALA A 268 -12.30 -1.69 9.55
N GLY A 269 -13.20 -2.66 9.48
CA GLY A 269 -13.86 -3.16 10.68
C GLY A 269 -13.01 -3.98 11.63
N GLY A 270 -13.64 -4.47 12.69
CA GLY A 270 -12.95 -5.30 13.66
C GLY A 270 -13.85 -6.15 14.54
N LYS A 271 -13.29 -7.21 15.10
CA LYS A 271 -13.96 -8.03 16.11
C LYS A 271 -12.92 -8.39 17.14
N SER A 272 -12.49 -7.38 17.88
CA SER A 272 -11.31 -7.48 18.72
C SER A 272 -11.51 -8.33 19.97
N PRO A 273 -10.60 -9.27 20.21
CA PRO A 273 -10.65 -10.13 21.39
C PRO A 273 -9.91 -9.52 22.58
N ASN A 274 -10.58 -9.57 23.71
CA ASN A 274 -10.09 -9.09 24.98
C ASN A 274 -9.85 -10.33 25.87
N ILE A 275 -8.58 -10.74 26.00
CA ILE A 275 -8.23 -12.00 26.65
C ILE A 275 -7.84 -11.81 28.12
N VAL A 276 -8.65 -12.36 29.02
CA VAL A 276 -8.36 -12.26 30.44
C VAL A 276 -7.92 -13.60 31.00
N PHE A 277 -6.65 -13.69 31.39
CA PHE A 277 -6.11 -14.90 32.01
C PHE A 277 -6.36 -14.90 33.50
N ALA A 278 -6.28 -16.07 34.11
CA ALA A 278 -6.56 -16.20 35.53
C ALA A 278 -5.56 -15.40 36.38
N ASP A 279 -4.37 -15.17 35.85
CA ASP A 279 -3.40 -14.43 36.64
C ASP A 279 -3.31 -12.95 36.27
N ALA A 280 -4.39 -12.39 35.74
CA ALA A 280 -4.47 -10.93 35.58
C ALA A 280 -4.09 -10.28 36.91
N PRO A 281 -3.28 -9.22 36.87
CA PRO A 281 -2.83 -8.61 38.14
C PRO A 281 -3.96 -7.90 38.89
N ASP A 282 -4.88 -7.30 38.16
CA ASP A 282 -5.97 -6.56 38.80
C ASP A 282 -7.25 -6.95 38.08
N LEU A 283 -8.01 -7.88 38.67
CA LEU A 283 -9.22 -8.36 38.05
C LEU A 283 -10.30 -7.29 37.97
N GLN A 284 -10.37 -6.43 38.99
CA GLN A 284 -11.33 -5.34 38.99
C GLN A 284 -11.03 -4.37 37.85
N ALA A 285 -9.77 -3.99 37.70
CA ALA A 285 -9.37 -3.16 36.54
C ALA A 285 -9.76 -3.85 35.24
N ALA A 286 -9.47 -5.15 35.16
CA ALA A 286 -9.84 -5.93 33.97
C ALA A 286 -11.35 -5.90 33.74
N ALA A 287 -12.13 -6.06 34.81
CA ALA A 287 -13.59 -6.02 34.71
C ALA A 287 -14.08 -4.64 34.26
N ASP A 288 -13.54 -3.58 34.87
CA ASP A 288 -13.93 -2.22 34.53
C ASP A 288 -13.60 -1.93 33.07
N SER A 289 -12.44 -2.39 32.63
CA SER A 289 -11.99 -2.19 31.26
C SER A 289 -12.81 -2.98 30.26
N ALA A 290 -13.18 -4.21 30.62
CA ALA A 290 -13.98 -5.05 29.75
C ALA A 290 -15.33 -4.40 29.49
N ALA A 291 -15.87 -3.77 30.53
CA ALA A 291 -17.16 -3.09 30.42
C ALA A 291 -17.05 -1.84 29.57
N SER A 292 -16.03 -1.04 29.86
CA SER A 292 -15.79 0.18 29.11
C SER A 292 -15.52 -0.12 27.64
N ALA A 293 -14.86 -1.24 27.36
CA ALA A 293 -14.42 -1.56 26.00
C ALA A 293 -15.61 -1.88 25.09
N ILE A 294 -16.74 -2.24 25.68
CA ILE A 294 -17.91 -2.51 24.87
C ILE A 294 -18.95 -1.37 24.94
N ALA A 295 -18.97 -0.62 26.04
CA ALA A 295 -20.03 0.37 26.25
C ALA A 295 -19.65 1.80 25.85
N PHE A 296 -18.36 2.10 25.86
CA PHE A 296 -17.91 3.43 25.47
C PHE A 296 -18.34 3.76 24.04
N ASN A 297 -18.78 4.99 23.84
CA ASN A 297 -19.37 5.46 22.58
C ASN A 297 -20.40 4.50 21.99
N GLN A 298 -21.24 3.96 22.88
CA GLN A 298 -22.36 3.10 22.50
C GLN A 298 -21.92 1.84 21.76
N GLY A 299 -20.69 1.41 21.99
CA GLY A 299 -20.15 0.26 21.29
C GLY A 299 -19.91 0.52 19.80
N GLU A 300 -20.07 1.77 19.39
CA GLU A 300 -19.82 2.16 18.00
C GLU A 300 -18.35 2.55 17.86
N VAL A 301 -17.48 1.56 18.09
CA VAL A 301 -16.04 1.74 18.13
C VAL A 301 -15.40 0.57 17.38
N CYS A 302 -14.54 0.88 16.43
CA CYS A 302 -13.97 -0.17 15.61
C CYS A 302 -13.17 -1.18 16.42
N THR A 303 -12.55 -0.71 17.50
CA THR A 303 -11.76 -1.55 18.37
C THR A 303 -12.49 -1.99 19.63
N ALA A 304 -13.81 -1.87 19.64
CA ALA A 304 -14.60 -2.34 20.76
C ALA A 304 -14.18 -3.76 21.11
N GLY A 305 -13.99 -4.03 22.40
CA GLY A 305 -13.63 -5.36 22.85
C GLY A 305 -14.87 -6.22 22.84
N SER A 306 -15.30 -6.60 21.64
CA SER A 306 -16.58 -7.27 21.49
C SER A 306 -16.52 -8.78 21.75
N ARG A 307 -15.34 -9.37 21.77
CA ARG A 307 -15.20 -10.76 22.20
C ARG A 307 -14.37 -10.82 23.46
N LEU A 308 -15.02 -11.19 24.56
CA LEU A 308 -14.32 -11.29 25.84
C LEU A 308 -13.97 -12.75 26.08
N LEU A 309 -12.67 -13.05 26.05
CA LEU A 309 -12.18 -14.42 26.24
C LEU A 309 -11.67 -14.57 27.64
N VAL A 310 -12.26 -15.49 28.39
CA VAL A 310 -11.94 -15.64 29.80
C VAL A 310 -11.48 -17.05 30.11
N GLU A 311 -10.37 -17.18 30.85
CA GLU A 311 -9.92 -18.49 31.27
C GLU A 311 -10.99 -19.10 32.17
N ARG A 312 -11.34 -20.35 31.90
CA ARG A 312 -12.51 -20.97 32.54
C ARG A 312 -12.42 -20.98 34.07
N SER A 313 -11.22 -21.15 34.61
CA SER A 313 -11.07 -21.21 36.07
C SER A 313 -11.40 -19.91 36.82
N ILE A 314 -11.53 -18.78 36.13
CA ILE A 314 -11.93 -17.54 36.81
C ILE A 314 -13.24 -16.99 36.28
N LYS A 315 -13.79 -17.66 35.28
CA LYS A 315 -15.00 -17.21 34.62
C LYS A 315 -16.15 -16.95 35.59
N ASP A 316 -16.38 -17.86 36.53
CA ASP A 316 -17.50 -17.76 37.44
C ASP A 316 -17.37 -16.56 38.39
N ARG A 317 -16.14 -16.17 38.67
CA ARG A 317 -15.90 -15.02 39.52
C ARG A 317 -15.91 -13.73 38.70
N PHE A 318 -15.38 -13.79 37.49
CA PHE A 318 -15.12 -12.60 36.68
C PHE A 318 -16.36 -12.05 35.98
N LEU A 319 -17.21 -12.93 35.45
CA LEU A 319 -18.41 -12.48 34.74
C LEU A 319 -19.38 -11.64 35.58
N PRO A 320 -19.61 -12.00 36.86
CA PRO A 320 -20.45 -11.09 37.64
C PRO A 320 -19.80 -9.71 37.85
N MET A 321 -18.47 -9.66 37.88
CA MET A 321 -17.79 -8.39 38.02
C MET A 321 -17.98 -7.55 36.76
N VAL A 322 -17.98 -8.20 35.61
CA VAL A 322 -18.17 -7.52 34.34
C VAL A 322 -19.58 -6.99 34.24
N ILE A 323 -20.53 -7.80 34.71
CA ILE A 323 -21.94 -7.41 34.69
C ILE A 323 -22.18 -6.19 35.57
N GLU A 324 -21.61 -6.19 36.77
CA GLU A 324 -21.76 -5.04 37.65
C GLU A 324 -21.12 -3.77 37.05
N ALA A 325 -19.93 -3.92 36.48
CA ALA A 325 -19.26 -2.79 35.86
C ALA A 325 -20.09 -2.22 34.71
N LEU A 326 -20.65 -3.11 33.90
CA LEU A 326 -21.43 -2.66 32.76
C LEU A 326 -22.69 -1.90 33.22
N GLY A 327 -23.16 -2.20 34.43
CA GLY A 327 -24.33 -1.55 34.98
C GLY A 327 -24.16 -0.05 35.26
N THR A 328 -22.93 0.41 35.38
CA THR A 328 -22.67 1.84 35.55
C THR A 328 -22.75 2.60 34.22
N TRP A 329 -22.74 1.89 33.11
CA TRP A 329 -22.88 2.50 31.80
C TRP A 329 -24.35 2.56 31.38
N LYS A 330 -24.95 3.75 31.48
CA LYS A 330 -26.39 3.92 31.30
C LYS A 330 -26.74 4.94 30.22
N PRO A 331 -27.51 4.52 29.22
CA PRO A 331 -27.97 5.44 28.18
C PRO A 331 -28.75 6.61 28.75
N GLY A 332 -28.59 7.78 28.16
CA GLY A 332 -29.27 8.97 28.63
C GLY A 332 -29.16 10.11 27.65
N ASN A 333 -29.75 11.24 28.02
CA ASN A 333 -29.71 12.45 27.19
C ASN A 333 -28.26 12.85 26.91
N PRO A 334 -27.89 12.86 25.62
CA PRO A 334 -26.51 13.18 25.23
C PRO A 334 -26.09 14.60 25.65
N LEU A 335 -27.05 15.51 25.81
CA LEU A 335 -26.71 16.88 26.19
C LEU A 335 -26.57 17.03 27.70
N ASP A 336 -26.83 15.96 28.44
CA ASP A 336 -26.57 15.97 29.88
C ASP A 336 -25.11 15.60 30.11
N PRO A 337 -24.35 16.46 30.79
CA PRO A 337 -22.91 16.20 30.99
C PRO A 337 -22.66 14.96 31.84
N ALA A 338 -23.69 14.51 32.54
CA ALA A 338 -23.54 13.35 33.42
C ALA A 338 -23.71 12.06 32.65
N THR A 339 -24.27 12.13 31.45
CA THR A 339 -24.51 10.94 30.63
C THR A 339 -23.20 10.30 30.14
N ASN A 340 -23.04 8.99 30.32
CA ASN A 340 -21.86 8.30 29.80
C ASN A 340 -22.14 7.38 28.61
N VAL A 341 -23.41 7.18 28.28
CA VAL A 341 -23.80 6.43 27.09
C VAL A 341 -24.88 7.19 26.33
N GLY A 342 -24.65 7.48 25.06
CA GLY A 342 -25.57 8.33 24.32
C GLY A 342 -26.54 7.56 23.44
N ALA A 343 -27.01 8.21 22.40
CA ALA A 343 -27.93 7.60 21.44
C ALA A 343 -27.16 6.87 20.34
N LEU A 344 -27.75 5.84 19.76
CA LEU A 344 -27.19 5.24 18.54
C LEU A 344 -27.42 6.24 17.42
N VAL A 345 -26.69 6.10 16.31
CA VAL A 345 -26.64 7.18 15.32
C VAL A 345 -27.96 7.35 14.56
N ASP A 346 -28.68 6.26 14.33
CA ASP A 346 -29.99 6.35 13.69
C ASP A 346 -30.83 5.10 13.90
N THR A 347 -32.04 5.11 13.37
CA THR A 347 -32.95 4.00 13.53
C THR A 347 -32.40 2.75 12.88
N GLN A 348 -31.83 2.91 11.69
CA GLN A 348 -31.21 1.80 10.96
C GLN A 348 -30.15 1.08 11.82
N GLN A 349 -29.37 1.86 12.56
CA GLN A 349 -28.31 1.29 13.38
C GLN A 349 -28.91 0.53 14.55
N MET A 350 -29.96 1.09 15.16
CA MET A 350 -30.60 0.43 16.27
C MET A 350 -31.23 -0.89 15.86
N ASN A 351 -31.83 -0.91 14.67
CA ASN A 351 -32.45 -2.13 14.15
C ASN A 351 -31.39 -3.22 13.93
N THR A 352 -30.26 -2.83 13.36
CA THR A 352 -29.13 -3.75 13.20
C THR A 352 -28.72 -4.36 14.55
N VAL A 353 -28.58 -3.51 15.55
CA VAL A 353 -28.17 -3.97 16.87
C VAL A 353 -29.22 -4.92 17.46
N LEU A 354 -30.49 -4.57 17.34
CA LEU A 354 -31.55 -5.41 17.88
C LEU A 354 -31.61 -6.75 17.13
N SER A 355 -31.32 -6.71 15.84
CA SER A 355 -31.29 -7.90 15.03
C SER A 355 -30.18 -8.84 15.50
N TYR A 356 -29.03 -8.28 15.86
CA TYR A 356 -27.93 -9.10 16.32
C TYR A 356 -28.22 -9.67 17.71
N ILE A 357 -28.91 -8.90 18.55
CA ILE A 357 -29.32 -9.39 19.86
C ILE A 357 -30.24 -10.59 19.66
N ALA A 358 -31.16 -10.47 18.71
CA ALA A 358 -32.07 -11.58 18.42
C ALA A 358 -31.29 -12.79 17.90
N ALA A 359 -30.24 -12.53 17.12
CA ALA A 359 -29.40 -13.59 16.59
C ALA A 359 -28.63 -14.31 17.70
N GLY A 360 -28.27 -13.55 18.73
CA GLY A 360 -27.63 -14.13 19.90
C GLY A 360 -28.49 -15.19 20.56
N HIS A 361 -29.76 -14.85 20.78
CA HIS A 361 -30.74 -15.80 21.30
C HIS A 361 -30.86 -16.99 20.39
N THR A 362 -31.01 -16.70 19.10
CA THR A 362 -31.23 -17.73 18.11
C THR A 362 -30.12 -18.76 18.11
N ASP A 363 -28.87 -18.30 18.01
CA ASP A 363 -27.73 -19.18 17.91
C ASP A 363 -27.38 -19.90 19.21
N GLY A 364 -28.10 -19.60 20.28
CA GLY A 364 -27.98 -20.37 21.50
C GLY A 364 -27.17 -19.82 22.66
N ALA A 365 -26.78 -18.55 22.56
CA ALA A 365 -26.09 -17.89 23.67
C ALA A 365 -27.05 -17.57 24.80
N ARG A 366 -26.51 -17.26 25.97
CA ARG A 366 -27.32 -16.95 27.15
C ARG A 366 -27.25 -15.48 27.49
N LEU A 367 -28.36 -14.76 27.34
CA LEU A 367 -28.45 -13.36 27.74
C LEU A 367 -28.26 -13.21 29.26
N VAL A 368 -27.26 -12.44 29.68
CA VAL A 368 -27.08 -12.24 31.11
C VAL A 368 -27.15 -10.77 31.52
N ALA A 369 -27.35 -9.87 30.57
CA ALA A 369 -27.46 -8.44 30.87
C ALA A 369 -28.00 -7.64 29.68
N GLY A 370 -28.86 -6.66 29.96
CA GLY A 370 -29.37 -5.78 28.93
C GLY A 370 -30.30 -6.44 27.93
N GLY A 371 -30.15 -6.08 26.66
CA GLY A 371 -30.85 -6.78 25.59
C GLY A 371 -32.05 -6.07 25.00
N LYS A 372 -32.37 -4.88 25.51
CA LYS A 372 -33.59 -4.20 25.09
C LYS A 372 -33.35 -2.76 24.66
N GLN A 373 -34.22 -2.29 23.77
CA GLN A 373 -34.28 -0.87 23.48
C GLN A 373 -34.93 -0.15 24.67
N ILE A 374 -34.49 1.06 24.95
CA ILE A 374 -35.08 1.86 26.03
C ILE A 374 -35.29 3.31 25.62
N LEU A 375 -35.97 4.07 26.49
CA LEU A 375 -36.18 5.50 26.28
C LEU A 375 -36.82 5.83 24.93
N GLN A 376 -37.79 5.02 24.49
CA GLN A 376 -38.46 5.27 23.21
C GLN A 376 -39.20 6.61 23.19
N GLU A 377 -39.75 6.99 24.34
CA GLU A 377 -40.58 8.19 24.45
C GLU A 377 -39.84 9.49 24.15
N THR A 378 -38.52 9.41 24.07
CA THR A 378 -37.69 10.59 23.82
C THR A 378 -37.64 10.96 22.34
N GLY A 379 -38.07 10.04 21.48
CA GLY A 379 -37.93 10.24 20.04
C GLY A 379 -36.51 9.98 19.55
N GLY A 380 -35.70 9.36 20.41
CA GLY A 380 -34.33 9.03 20.07
C GLY A 380 -34.11 7.53 20.11
N THR A 381 -32.93 7.09 19.66
CA THR A 381 -32.64 5.66 19.51
C THR A 381 -31.60 5.16 20.53
N TYR A 382 -32.06 4.47 21.56
CA TYR A 382 -31.21 4.03 22.67
C TYR A 382 -31.31 2.53 22.96
N VAL A 383 -30.17 1.87 23.18
CA VAL A 383 -30.18 0.46 23.58
C VAL A 383 -29.31 0.20 24.81
N GLU A 384 -29.80 -0.67 25.71
CA GLU A 384 -29.03 -1.13 26.86
C GLU A 384 -27.76 -1.86 26.45
N PRO A 385 -26.64 -1.52 27.07
CA PRO A 385 -25.44 -2.34 26.97
C PRO A 385 -25.75 -3.80 27.32
N THR A 386 -25.32 -4.74 26.48
CA THR A 386 -25.78 -6.12 26.51
C THR A 386 -24.63 -7.13 26.60
N ILE A 387 -24.87 -8.23 27.32
CA ILE A 387 -23.88 -9.32 27.42
C ILE A 387 -24.48 -10.70 27.17
N PHE A 388 -23.90 -11.46 26.24
CA PHE A 388 -24.22 -12.87 26.07
C PHE A 388 -23.12 -13.74 26.62
N ASP A 389 -23.51 -14.72 27.43
CA ASP A 389 -22.59 -15.71 27.97
C ASP A 389 -22.73 -16.99 27.17
N GLY A 390 -21.76 -17.91 27.28
CA GLY A 390 -21.85 -19.19 26.61
C GLY A 390 -21.77 -19.07 25.10
N VAL A 391 -20.98 -18.11 24.65
CA VAL A 391 -20.80 -17.86 23.23
C VAL A 391 -19.71 -18.76 22.62
N ASN A 392 -19.99 -19.34 21.48
CA ASN A 392 -19.00 -20.11 20.74
C ASN A 392 -18.51 -19.27 19.57
N ASN A 393 -17.24 -19.37 19.22
CA ASN A 393 -16.66 -18.44 18.23
C ASN A 393 -17.27 -18.59 16.84
N ALA A 394 -17.98 -19.71 16.61
CA ALA A 394 -18.66 -19.93 15.33
C ALA A 394 -19.98 -19.17 15.21
N MET A 395 -20.55 -18.75 16.33
CA MET A 395 -21.82 -18.03 16.31
C MET A 395 -21.72 -16.70 15.59
N ARG A 396 -22.84 -16.23 15.05
CA ARG A 396 -22.89 -14.98 14.31
C ARG A 396 -22.43 -13.79 15.14
N ILE A 397 -22.87 -13.72 16.39
CA ILE A 397 -22.50 -12.58 17.21
C ILE A 397 -20.99 -12.62 17.57
N ALA A 398 -20.33 -13.76 17.37
CA ALA A 398 -18.90 -13.83 17.63
C ALA A 398 -18.07 -13.57 16.37
N GLN A 399 -18.67 -13.81 15.20
CA GLN A 399 -17.94 -13.64 13.94
C GLN A 399 -18.14 -12.27 13.30
N GLU A 400 -19.34 -11.69 13.44
CA GLU A 400 -19.69 -10.50 12.69
C GLU A 400 -19.64 -9.24 13.55
N GLU A 401 -19.05 -8.19 13.01
CA GLU A 401 -19.02 -6.89 13.69
C GLU A 401 -20.44 -6.35 13.85
N ILE A 402 -20.80 -6.00 15.09
CA ILE A 402 -22.16 -5.55 15.41
C ILE A 402 -22.26 -4.03 15.42
N PHE A 403 -21.22 -3.38 15.94
CA PHE A 403 -21.15 -1.93 16.05
C PHE A 403 -22.31 -1.43 16.92
N GLY A 404 -22.50 -2.13 18.04
CA GLY A 404 -23.43 -1.74 19.09
C GLY A 404 -22.86 -2.23 20.41
N PRO A 405 -23.53 -1.92 21.52
CA PRO A 405 -22.96 -2.31 22.82
C PRO A 405 -23.31 -3.75 23.18
N VAL A 406 -22.89 -4.71 22.35
CA VAL A 406 -23.21 -6.11 22.57
C VAL A 406 -21.94 -6.96 22.75
N LEU A 407 -21.76 -7.47 23.95
CA LEU A 407 -20.57 -8.23 24.31
C LEU A 407 -20.78 -9.73 24.24
N SER A 408 -19.85 -10.42 23.58
CA SER A 408 -19.85 -11.88 23.55
C SER A 408 -18.78 -12.43 24.49
N VAL A 409 -19.17 -13.35 25.37
CA VAL A 409 -18.24 -13.93 26.34
C VAL A 409 -17.92 -15.39 26.01
N LEU A 410 -16.64 -15.65 25.74
CA LEU A 410 -16.17 -16.99 25.40
C LEU A 410 -15.16 -17.47 26.45
N THR A 411 -15.00 -18.79 26.58
CA THR A 411 -14.05 -19.36 27.54
C THR A 411 -12.96 -20.19 26.87
N PHE A 412 -11.85 -20.38 27.57
CA PHE A 412 -10.75 -21.22 27.11
C PHE A 412 -10.03 -21.83 28.31
N ASP A 413 -9.22 -22.85 28.07
CA ASP A 413 -8.46 -23.49 29.14
C ASP A 413 -6.95 -23.32 29.04
N THR A 414 -6.44 -23.17 27.82
CA THR A 414 -5.02 -22.94 27.63
C THR A 414 -4.74 -21.65 26.86
N ALA A 415 -3.51 -21.14 27.00
CA ALA A 415 -3.12 -19.94 26.26
C ALA A 415 -3.19 -20.21 24.75
N GLU A 416 -2.83 -21.43 24.36
CA GLU A 416 -2.84 -21.82 22.96
C GLU A 416 -4.26 -21.74 22.40
N GLU A 417 -5.22 -22.21 23.18
CA GLU A 417 -6.61 -22.15 22.78
C GLU A 417 -7.09 -20.69 22.70
N ALA A 418 -6.68 -19.88 23.65
CA ALA A 418 -7.06 -18.46 23.66
C ALA A 418 -6.60 -17.82 22.37
N ILE A 419 -5.34 -18.07 22.02
CA ILE A 419 -4.76 -17.54 20.81
C ILE A 419 -5.48 -18.03 19.55
N GLN A 420 -5.82 -19.32 19.51
CA GLN A 420 -6.50 -19.87 18.33
C GLN A 420 -7.84 -19.18 18.10
N ILE A 421 -8.60 -18.97 19.17
CA ILE A 421 -9.90 -18.31 19.09
C ILE A 421 -9.76 -16.82 18.71
N ALA A 422 -8.82 -16.13 19.34
CA ALA A 422 -8.54 -14.73 19.02
C ALA A 422 -8.26 -14.51 17.53
N ASN A 423 -7.44 -15.36 16.93
CA ASN A 423 -7.05 -15.19 15.53
C ASN A 423 -8.07 -15.79 14.57
N ASP A 424 -9.11 -16.41 15.10
CA ASP A 424 -10.13 -17.07 14.28
C ASP A 424 -11.19 -16.05 13.86
N THR A 425 -10.82 -15.24 12.89
CA THR A 425 -11.58 -14.07 12.46
C THR A 425 -10.97 -13.53 11.18
N PRO A 426 -11.79 -12.95 10.29
CA PRO A 426 -11.19 -12.26 9.14
C PRO A 426 -10.58 -10.92 9.51
N TYR A 427 -10.85 -10.44 10.72
CA TYR A 427 -10.41 -9.13 11.15
C TYR A 427 -9.07 -9.18 11.88
N GLY A 428 -8.54 -8.02 12.27
CA GLY A 428 -7.24 -7.96 12.94
C GLY A 428 -6.84 -6.55 13.34
N LEU A 429 -7.77 -5.82 13.94
CA LEU A 429 -7.54 -4.41 14.24
C LEU A 429 -6.86 -4.24 15.60
N ALA A 430 -7.38 -4.95 16.59
CA ALA A 430 -6.83 -4.86 17.94
C ALA A 430 -7.10 -6.12 18.73
N ALA A 431 -6.38 -6.25 19.84
CA ALA A 431 -6.57 -7.32 20.78
C ALA A 431 -6.01 -6.88 22.14
N ALA A 432 -6.44 -7.54 23.21
CA ALA A 432 -5.83 -7.29 24.51
C ALA A 432 -5.57 -8.58 25.29
N VAL A 433 -4.54 -8.53 26.12
CA VAL A 433 -4.11 -9.61 26.98
C VAL A 433 -3.94 -9.15 28.41
N TRP A 434 -4.52 -9.87 29.36
CA TRP A 434 -4.35 -9.54 30.76
C TRP A 434 -3.67 -10.70 31.51
N THR A 435 -2.44 -10.45 31.92
CA THR A 435 -1.69 -11.43 32.73
C THR A 435 -0.53 -10.73 33.43
N ALA A 436 -0.17 -11.23 34.61
CA ALA A 436 0.98 -10.72 35.36
C ALA A 436 2.29 -11.40 34.94
N ASN A 437 2.21 -12.39 34.06
CA ASN A 437 3.36 -13.21 33.73
C ASN A 437 4.15 -12.64 32.54
N LEU A 438 5.45 -12.47 32.72
CA LEU A 438 6.33 -11.89 31.72
C LEU A 438 6.31 -12.64 30.38
N SER A 439 6.58 -13.94 30.41
CA SER A 439 6.65 -14.71 29.17
C SER A 439 5.30 -14.80 28.48
N LYS A 440 4.27 -15.09 29.26
CA LYS A 440 2.94 -15.26 28.69
C LYS A 440 2.46 -13.95 28.05
N ALA A 441 2.74 -12.83 28.70
CA ALA A 441 2.38 -11.52 28.15
C ALA A 441 3.00 -11.29 26.77
N HIS A 442 4.33 -11.37 26.68
CA HIS A 442 5.01 -11.09 25.42
C HIS A 442 4.74 -12.13 24.34
N LEU A 443 4.74 -13.41 24.71
CA LEU A 443 4.54 -14.45 23.73
C LEU A 443 3.10 -14.44 23.20
N THR A 444 2.12 -14.20 24.08
CA THR A 444 0.74 -14.13 23.61
C THR A 444 0.59 -12.90 22.70
N ALA A 445 1.12 -11.76 23.13
CA ALA A 445 1.04 -10.55 22.33
C ALA A 445 1.65 -10.76 20.95
N ARG A 446 2.79 -11.41 20.91
CA ARG A 446 3.47 -11.68 19.64
C ARG A 446 2.64 -12.59 18.74
N ALA A 447 1.84 -13.47 19.33
CA ALA A 447 1.11 -14.47 18.55
C ALA A 447 -0.21 -13.92 17.98
N LEU A 448 -0.64 -12.79 18.50
CA LEU A 448 -1.94 -12.23 18.10
C LEU A 448 -1.82 -11.44 16.82
N ARG A 449 -2.61 -11.81 15.82
CA ARG A 449 -2.54 -11.16 14.53
C ARG A 449 -3.41 -9.89 14.51
N ALA A 450 -2.91 -8.82 15.13
CA ALA A 450 -3.70 -7.59 15.24
C ALA A 450 -2.78 -6.38 15.27
N GLY A 451 -3.24 -5.25 14.71
CA GLY A 451 -2.41 -4.08 14.57
C GLY A 451 -2.04 -3.42 15.89
N SER A 452 -2.93 -3.53 16.87
CA SER A 452 -2.67 -3.03 18.20
C SER A 452 -2.92 -4.14 19.20
N VAL A 453 -1.97 -4.35 20.10
CA VAL A 453 -2.16 -5.30 21.18
C VAL A 453 -1.93 -4.60 22.50
N TRP A 454 -2.95 -4.61 23.34
CA TRP A 454 -2.86 -3.92 24.62
C TRP A 454 -2.70 -4.95 25.73
N VAL A 455 -1.75 -4.70 26.62
CA VAL A 455 -1.44 -5.63 27.70
C VAL A 455 -1.72 -4.99 29.05
N ASN A 456 -2.56 -5.66 29.85
CA ASN A 456 -3.04 -5.17 31.14
C ASN A 456 -3.68 -3.80 31.09
N GLN A 457 -4.26 -3.50 29.94
CA GLN A 457 -5.08 -2.32 29.72
C GLN A 457 -5.90 -2.55 28.45
N TYR A 458 -6.87 -1.69 28.19
CA TYR A 458 -7.55 -1.73 26.91
C TYR A 458 -7.57 -0.32 26.35
N ASP A 459 -7.67 -0.19 25.02
CA ASP A 459 -7.76 1.12 24.36
C ASP A 459 -6.57 2.00 24.70
N GLY A 460 -5.38 1.42 24.64
CA GLY A 460 -4.17 2.16 24.97
C GLY A 460 -3.52 2.83 23.77
N GLY A 461 -2.34 3.38 23.97
CA GLY A 461 -1.61 4.06 22.92
C GLY A 461 -2.01 5.53 22.85
N ASP A 462 -1.14 6.34 22.27
CA ASP A 462 -1.41 7.75 22.03
C ASP A 462 -0.94 8.07 20.61
N MET A 463 -0.57 9.31 20.36
CA MET A 463 -0.17 9.70 19.02
C MET A 463 1.12 9.01 18.57
N THR A 464 1.91 8.47 19.51
CA THR A 464 3.14 7.76 19.14
C THR A 464 2.87 6.33 18.64
N ALA A 465 1.64 5.83 18.82
CA ALA A 465 1.32 4.45 18.47
C ALA A 465 0.59 4.33 17.14
N PRO A 466 1.25 3.71 16.14
CA PRO A 466 0.59 3.41 14.86
C PRO A 466 -0.66 2.57 15.11
N PHE A 467 -1.70 2.85 14.35
CA PHE A 467 -3.00 2.24 14.55
C PHE A 467 -3.54 1.79 13.19
N GLY A 468 -3.99 0.54 13.11
CA GLY A 468 -4.51 -0.01 11.86
C GLY A 468 -4.53 -1.54 11.85
N GLY A 469 -4.99 -2.13 10.74
CA GLY A 469 -5.36 -3.53 10.74
C GLY A 469 -4.42 -4.52 10.09
N PHE A 470 -4.47 -5.75 10.59
CA PHE A 470 -4.05 -6.96 9.87
C PHE A 470 -5.24 -7.41 9.02
N LYS A 471 -4.97 -8.18 7.98
CA LYS A 471 -6.02 -8.86 7.22
C LYS A 471 -7.10 -7.89 6.74
N GLN A 472 -8.37 -8.23 6.92
CA GLN A 472 -9.45 -7.43 6.35
C GLN A 472 -9.84 -6.24 7.23
N SER A 473 -9.01 -5.92 8.24
CA SER A 473 -9.21 -4.73 9.05
C SER A 473 -8.48 -3.54 8.45
N GLY A 474 -7.79 -3.77 7.33
CA GLY A 474 -7.21 -2.70 6.56
C GLY A 474 -5.72 -2.84 6.26
N ASN A 475 -5.16 -1.79 5.66
CA ASN A 475 -3.72 -1.73 5.38
C ASN A 475 -3.22 -0.34 5.69
N GLY A 476 -2.00 -0.26 6.22
CA GLY A 476 -1.44 1.02 6.59
C GLY A 476 -1.85 1.44 7.99
N ARG A 477 -1.25 2.51 8.47
CA ARG A 477 -1.45 2.91 9.84
C ARG A 477 -1.74 4.40 9.97
N ASP A 478 -2.63 4.73 10.90
CA ASP A 478 -2.89 6.11 11.30
C ASP A 478 -2.15 6.39 12.61
N LYS A 479 -1.94 7.67 12.90
CA LYS A 479 -1.13 8.12 14.04
C LYS A 479 0.36 7.74 13.86
N SER A 480 1.21 8.25 14.75
CA SER A 480 2.68 8.07 14.69
C SER A 480 3.28 8.65 13.42
N LEU A 481 4.59 8.47 13.26
CA LEU A 481 5.29 8.92 12.08
C LEU A 481 4.96 8.05 10.86
N HIS A 482 4.55 6.80 11.10
CA HIS A 482 4.24 5.89 10.01
C HIS A 482 3.04 6.32 9.17
N ALA A 483 2.17 7.14 9.74
CA ALA A 483 1.02 7.67 8.98
C ALA A 483 1.48 8.54 7.81
N PHE A 484 2.62 9.21 7.96
CA PHE A 484 3.13 10.10 6.92
C PHE A 484 3.43 9.36 5.60
N ASP A 485 3.85 8.11 5.70
CA ASP A 485 4.25 7.34 4.54
C ASP A 485 3.07 7.09 3.58
N LYS A 486 1.85 7.25 4.06
CA LYS A 486 0.69 7.06 3.20
C LYS A 486 0.47 8.28 2.31
N TYR A 487 1.18 9.37 2.59
CA TYR A 487 0.90 10.63 1.90
C TYR A 487 2.11 11.15 1.12
N THR A 488 3.13 10.30 1.01
CA THR A 488 4.34 10.63 0.28
C THR A 488 4.82 9.50 -0.64
N GLU A 489 5.71 9.85 -1.57
CA GLU A 489 6.33 8.87 -2.44
C GLU A 489 7.83 8.90 -2.22
N LEU A 490 8.48 7.74 -2.33
CA LEU A 490 9.93 7.69 -2.29
C LEU A 490 10.54 8.00 -3.65
N LYS A 491 11.62 8.76 -3.63
CA LYS A 491 12.41 9.03 -4.81
C LYS A 491 13.87 8.74 -4.52
N SER A 492 14.50 7.99 -5.42
CA SER A 492 15.93 7.76 -5.39
C SER A 492 16.63 8.67 -6.40
N THR A 493 17.39 9.65 -5.92
CA THR A 493 18.17 10.49 -6.82
C THR A 493 19.63 10.05 -6.74
N TRP A 494 20.11 9.41 -7.81
CA TRP A 494 21.49 8.93 -7.86
C TRP A 494 22.30 9.82 -8.78
N ILE A 495 23.26 10.53 -8.18
CA ILE A 495 24.01 11.56 -8.86
C ILE A 495 25.46 11.17 -9.11
N LYS A 496 25.88 11.15 -10.36
CA LYS A 496 27.29 10.90 -10.61
C LYS A 496 28.10 12.19 -10.52
N LEU A 497 29.20 12.11 -9.78
CA LEU A 497 30.08 13.25 -9.54
C LEU A 497 31.37 13.06 -10.32
N THR B 3 37.30 -18.33 -20.56
CA THR B 3 36.10 -17.69 -21.07
C THR B 3 35.51 -18.48 -22.24
N LEU B 4 34.21 -18.75 -22.18
CA LEU B 4 33.57 -19.67 -23.10
C LEU B 4 33.27 -19.01 -24.44
N THR B 5 33.46 -19.79 -25.51
CA THR B 5 33.19 -19.35 -26.87
C THR B 5 31.75 -19.63 -27.30
N ARG B 6 31.37 -19.09 -28.46
CA ARG B 6 30.07 -19.40 -29.06
C ARG B 6 29.86 -20.91 -29.19
N ALA B 7 30.89 -21.61 -29.67
CA ALA B 7 30.80 -23.06 -29.86
C ALA B 7 30.59 -23.78 -28.53
N ASP B 8 31.27 -23.33 -27.48
CA ASP B 8 31.06 -23.86 -26.14
C ASP B 8 29.62 -23.68 -25.66
N TRP B 9 29.06 -22.49 -25.87
CA TRP B 9 27.70 -22.24 -25.41
C TRP B 9 26.69 -23.07 -26.21
N GLU B 10 26.92 -23.19 -27.51
CA GLU B 10 26.04 -23.98 -28.35
C GLU B 10 26.08 -25.46 -27.94
N GLN B 11 27.25 -25.96 -27.59
CA GLN B 11 27.38 -27.33 -27.11
C GLN B 11 26.66 -27.47 -25.78
N ARG B 12 26.85 -26.51 -24.88
CA ARG B 12 26.20 -26.57 -23.57
C ARG B 12 24.68 -26.53 -23.71
N ALA B 13 24.19 -25.70 -24.63
CA ALA B 13 22.76 -25.57 -24.84
C ALA B 13 22.18 -26.90 -25.27
N GLN B 14 22.89 -27.59 -26.16
CA GLN B 14 22.49 -28.91 -26.62
C GLN B 14 22.48 -29.93 -25.48
N ASN B 15 23.35 -29.76 -24.50
CA ASN B 15 23.53 -30.80 -23.49
C ASN B 15 22.75 -30.58 -22.20
N LEU B 16 21.98 -29.49 -22.14
CA LEU B 16 21.11 -29.27 -21.00
C LEU B 16 20.00 -30.30 -20.90
N LYS B 17 19.70 -30.74 -19.69
CA LYS B 17 18.42 -31.39 -19.43
C LYS B 17 17.58 -30.36 -18.66
N ILE B 18 16.41 -30.05 -19.16
CA ILE B 18 15.65 -28.92 -18.67
C ILE B 18 14.44 -29.37 -17.90
N GLU B 19 14.36 -28.94 -16.64
CA GLU B 19 13.23 -29.25 -15.77
C GLU B 19 12.06 -28.35 -16.15
N GLY B 20 10.87 -28.94 -16.26
CA GLY B 20 9.69 -28.19 -16.61
C GLY B 20 8.55 -28.25 -15.61
N ARG B 21 8.69 -29.05 -14.56
CA ARG B 21 7.60 -29.23 -13.61
C ARG B 21 7.40 -28.04 -12.65
N ALA B 22 6.22 -27.95 -12.06
CA ALA B 22 5.99 -27.05 -10.93
C ALA B 22 6.71 -27.60 -9.70
N PHE B 23 6.78 -26.79 -8.65
CA PHE B 23 7.46 -27.18 -7.41
C PHE B 23 6.60 -26.83 -6.19
N ILE B 24 6.15 -27.86 -5.48
CA ILE B 24 5.27 -27.68 -4.33
C ILE B 24 5.71 -28.56 -3.17
N GLN B 25 5.81 -27.98 -1.97
CA GLN B 25 6.15 -28.74 -0.77
C GLN B 25 7.38 -29.62 -1.00
N GLY B 26 8.44 -29.01 -1.52
CA GLY B 26 9.73 -29.69 -1.61
C GLY B 26 9.95 -30.66 -2.77
N GLU B 27 8.97 -30.79 -3.66
CA GLU B 27 9.10 -31.71 -4.78
C GLU B 27 8.59 -31.12 -6.08
N TYR B 28 9.25 -31.48 -7.17
CA TYR B 28 8.74 -31.16 -8.50
C TYR B 28 7.49 -31.99 -8.73
N THR B 29 6.55 -31.44 -9.48
CA THR B 29 5.25 -32.06 -9.65
C THR B 29 4.59 -31.57 -10.93
N ALA B 30 3.80 -32.43 -11.57
CA ALA B 30 2.99 -31.99 -12.69
C ALA B 30 1.85 -31.15 -12.16
N ALA B 31 1.21 -30.41 -13.05
CA ALA B 31 -0.03 -29.73 -12.70
C ALA B 31 -1.08 -30.81 -12.47
N ALA B 32 -2.06 -30.53 -11.62
CA ALA B 32 -3.09 -31.50 -11.26
C ALA B 32 -3.81 -32.05 -12.50
N SER B 33 -4.00 -31.20 -13.49
CA SER B 33 -4.63 -31.60 -14.74
C SER B 33 -3.71 -32.43 -15.63
N GLY B 34 -2.41 -32.35 -15.37
CA GLY B 34 -1.44 -33.01 -16.21
C GLY B 34 -1.09 -32.22 -17.47
N GLU B 35 -1.71 -31.07 -17.64
CA GLU B 35 -1.46 -30.27 -18.83
C GLU B 35 -0.10 -29.58 -18.84
N THR B 36 0.43 -29.37 -20.04
CA THR B 36 1.68 -28.63 -20.25
C THR B 36 1.53 -27.59 -21.35
N PHE B 37 2.46 -26.64 -21.40
CA PHE B 37 2.57 -25.77 -22.56
C PHE B 37 4.01 -25.84 -23.09
N ASP B 38 4.18 -25.65 -24.39
CA ASP B 38 5.50 -25.70 -24.99
C ASP B 38 6.33 -24.46 -24.66
N CYS B 39 7.52 -24.68 -24.12
CA CYS B 39 8.46 -23.59 -23.91
C CYS B 39 9.39 -23.50 -25.11
N ILE B 40 9.20 -22.46 -25.93
CA ILE B 40 9.92 -22.29 -27.19
C ILE B 40 10.96 -21.18 -27.13
N SER B 41 12.17 -21.47 -27.61
CA SER B 41 13.26 -20.51 -27.61
C SER B 41 13.19 -19.50 -28.74
N PRO B 42 13.31 -18.21 -28.41
CA PRO B 42 13.32 -17.22 -29.49
C PRO B 42 14.68 -17.11 -30.18
N VAL B 43 15.64 -17.93 -29.75
CA VAL B 43 16.95 -17.95 -30.38
C VAL B 43 16.83 -18.49 -31.81
N ASP B 44 16.19 -19.65 -31.94
CA ASP B 44 16.02 -20.25 -33.25
C ASP B 44 14.70 -21.01 -33.40
N GLY B 45 13.95 -21.11 -32.31
CA GLY B 45 12.65 -21.75 -32.34
C GLY B 45 12.65 -23.18 -31.83
N ARG B 46 13.73 -23.61 -31.20
CA ARG B 46 13.79 -24.98 -30.71
C ARG B 46 12.91 -25.16 -29.48
N LEU B 47 12.46 -26.39 -29.26
CA LEU B 47 11.66 -26.73 -28.10
C LEU B 47 12.55 -26.99 -26.91
N LEU B 48 12.41 -26.17 -25.88
CA LEU B 48 13.23 -26.34 -24.69
C LEU B 48 12.66 -27.39 -23.76
N ALA B 49 11.33 -27.38 -23.58
CA ALA B 49 10.68 -28.21 -22.58
C ALA B 49 9.18 -28.09 -22.64
N LYS B 50 8.51 -29.14 -22.19
CA LYS B 50 7.09 -29.09 -21.92
C LYS B 50 6.91 -28.73 -20.45
N VAL B 51 6.36 -27.55 -20.21
CA VAL B 51 6.30 -26.98 -18.87
C VAL B 51 4.90 -27.17 -18.28
N ALA B 52 4.83 -27.54 -17.01
CA ALA B 52 3.55 -27.71 -16.33
C ALA B 52 2.67 -26.46 -16.44
N SER B 53 1.44 -26.63 -16.86
CA SER B 53 0.52 -25.52 -17.00
C SER B 53 -0.43 -25.51 -15.81
N CYS B 54 -0.06 -24.80 -14.74
CA CYS B 54 -0.87 -24.83 -13.53
C CYS B 54 -2.16 -24.01 -13.64
N ASP B 55 -3.13 -24.35 -12.80
CA ASP B 55 -4.41 -23.67 -12.75
C ASP B 55 -4.78 -23.47 -11.28
N ALA B 56 -6.06 -23.24 -11.02
CA ALA B 56 -6.52 -22.82 -9.70
C ALA B 56 -6.31 -23.93 -8.67
N ALA B 57 -6.42 -25.18 -9.09
CA ALA B 57 -6.23 -26.30 -8.18
C ALA B 57 -4.81 -26.33 -7.63
N ASP B 58 -3.85 -26.01 -8.50
CA ASP B 58 -2.45 -25.99 -8.10
C ASP B 58 -2.14 -24.81 -7.19
N ALA B 59 -2.79 -23.68 -7.46
CA ALA B 59 -2.71 -22.52 -6.58
C ALA B 59 -3.20 -22.87 -5.16
N GLN B 60 -4.35 -23.55 -5.10
CA GLN B 60 -4.86 -24.01 -3.83
C GLN B 60 -3.86 -24.89 -3.07
N ARG B 61 -3.25 -25.84 -3.78
CA ARG B 61 -2.33 -26.74 -3.12
C ARG B 61 -1.05 -26.00 -2.70
N ALA B 62 -0.54 -25.11 -3.55
CA ALA B 62 0.67 -24.38 -3.19
C ALA B 62 0.42 -23.44 -2.00
N VAL B 63 -0.78 -22.87 -1.92
CA VAL B 63 -1.09 -21.96 -0.82
C VAL B 63 -1.31 -22.73 0.49
N GLU B 64 -1.98 -23.87 0.42
CA GLU B 64 -2.12 -24.75 1.58
C GLU B 64 -0.75 -25.16 2.12
N SER B 65 0.16 -25.48 1.19
CA SER B 65 1.53 -25.81 1.54
C SER B 65 2.26 -24.59 2.15
N ALA B 66 2.10 -23.42 1.52
CA ALA B 66 2.71 -22.19 2.02
C ALA B 66 2.25 -21.85 3.43
N ARG B 67 0.95 -21.94 3.66
CA ARG B 67 0.32 -21.58 4.92
C ARG B 67 0.80 -22.50 6.04
N SER B 68 0.81 -23.78 5.73
CA SER B 68 1.21 -24.80 6.69
C SER B 68 2.68 -24.62 7.09
N ALA B 69 3.53 -24.37 6.10
CA ALA B 69 4.94 -24.09 6.37
C ALA B 69 5.11 -22.82 7.23
N PHE B 70 4.40 -21.75 6.90
CA PHE B 70 4.45 -20.51 7.68
C PHE B 70 4.06 -20.77 9.15
N ASP B 71 2.94 -21.48 9.35
CA ASP B 71 2.44 -21.74 10.71
C ASP B 71 3.36 -22.64 11.52
N SER B 72 4.11 -23.52 10.85
CA SER B 72 5.04 -24.43 11.55
C SER B 72 6.19 -23.66 12.18
N GLY B 73 6.52 -22.50 11.62
CA GLY B 73 7.57 -21.67 12.17
C GLY B 73 8.95 -22.13 11.75
N ALA B 74 9.01 -23.16 10.92
CA ALA B 74 10.29 -23.72 10.46
C ALA B 74 11.19 -22.64 9.86
N TRP B 75 10.58 -21.71 9.14
CA TRP B 75 11.31 -20.59 8.55
C TRP B 75 10.88 -19.26 9.17
N SER B 76 9.58 -19.09 9.38
CA SER B 76 9.05 -17.83 9.87
C SER B 76 9.49 -17.52 11.30
N ARG B 77 9.88 -18.52 12.09
CA ARG B 77 10.38 -18.27 13.46
C ARG B 77 11.82 -18.74 13.67
N LEU B 78 12.51 -19.00 12.56
CA LEU B 78 13.94 -19.28 12.60
C LEU B 78 14.70 -18.00 12.99
N ALA B 79 15.74 -18.16 13.81
CA ALA B 79 16.56 -17.02 14.23
C ALA B 79 17.02 -16.17 13.05
N PRO B 80 16.96 -14.85 13.20
CA PRO B 80 17.39 -13.90 12.17
C PRO B 80 18.76 -14.23 11.59
N ALA B 81 19.74 -14.56 12.43
CA ALA B 81 21.08 -14.82 11.95
C ALA B 81 21.15 -16.12 11.13
N LYS B 82 20.29 -17.08 11.44
CA LYS B 82 20.20 -18.31 10.64
C LYS B 82 19.50 -18.05 9.30
N ARG B 83 18.47 -17.21 9.29
CA ARG B 83 17.82 -16.87 8.04
C ARG B 83 18.83 -16.16 7.13
N LYS B 84 19.60 -15.25 7.70
CA LYS B 84 20.69 -14.59 6.97
C LYS B 84 21.63 -15.61 6.31
N ALA B 85 22.11 -16.56 7.10
CA ALA B 85 23.06 -17.57 6.60
C ALA B 85 22.46 -18.35 5.42
N THR B 86 21.23 -18.79 5.58
CA THR B 86 20.54 -19.54 4.52
C THR B 86 20.38 -18.70 3.25
N MET B 87 19.98 -17.43 3.37
CA MET B 87 19.82 -16.57 2.19
C MET B 87 21.14 -16.35 1.47
N ILE B 88 22.22 -16.25 2.23
CA ILE B 88 23.53 -16.04 1.63
C ILE B 88 23.99 -17.31 0.90
N ARG B 89 23.71 -18.48 1.48
CA ARG B 89 24.02 -19.75 0.79
C ARG B 89 23.17 -19.91 -0.48
N PHE B 90 21.92 -19.46 -0.41
CA PHE B 90 20.99 -19.48 -1.55
C PHE B 90 21.59 -18.66 -2.70
N ALA B 91 22.00 -17.43 -2.41
CA ALA B 91 22.72 -16.59 -3.37
C ALA B 91 23.98 -17.29 -3.90
N GLY B 92 24.75 -17.90 -3.00
CA GLY B 92 25.95 -18.60 -3.40
C GLY B 92 25.70 -19.73 -4.38
N LEU B 93 24.55 -20.38 -4.25
CA LEU B 93 24.22 -21.49 -5.16
C LEU B 93 23.79 -20.98 -6.52
N LEU B 94 23.19 -19.79 -6.58
CA LEU B 94 22.96 -19.12 -7.86
C LEU B 94 24.29 -18.88 -8.57
N GLU B 95 25.28 -18.36 -7.85
CA GLU B 95 26.58 -18.09 -8.44
C GLU B 95 27.31 -19.38 -8.84
N GLN B 96 27.22 -20.39 -7.99
CA GLN B 96 27.85 -21.67 -8.28
C GLN B 96 27.22 -22.33 -9.51
N ASN B 97 25.94 -22.05 -9.75
CA ASN B 97 25.25 -22.58 -10.91
C ASN B 97 25.01 -21.54 -12.01
N ALA B 98 25.87 -20.52 -12.05
CA ALA B 98 25.66 -19.37 -12.90
C ALA B 98 25.59 -19.68 -14.40
N GLU B 99 26.45 -20.58 -14.87
CA GLU B 99 26.50 -20.87 -16.29
C GLU B 99 25.22 -21.55 -16.79
N GLU B 100 24.72 -22.53 -16.05
CA GLU B 100 23.45 -23.15 -16.40
C GLU B 100 22.29 -22.14 -16.33
N LEU B 101 22.23 -21.35 -15.26
CA LEU B 101 21.16 -20.37 -15.08
C LEU B 101 21.19 -19.30 -16.16
N ALA B 102 22.37 -18.80 -16.48
CA ALA B 102 22.52 -17.80 -17.54
C ALA B 102 22.05 -18.37 -18.87
N LEU B 103 22.39 -19.63 -19.11
CA LEU B 103 22.06 -20.28 -20.37
C LEU B 103 20.55 -20.49 -20.50
N LEU B 104 19.91 -20.87 -19.40
CA LEU B 104 18.47 -21.07 -19.38
C LEU B 104 17.75 -19.77 -19.74
N GLU B 105 18.21 -18.68 -19.16
CA GLU B 105 17.60 -17.37 -19.37
C GLU B 105 17.73 -16.93 -20.83
N THR B 106 18.93 -17.06 -21.36
CA THR B 106 19.18 -16.74 -22.75
C THR B 106 18.34 -17.57 -23.74
N LEU B 107 18.26 -18.87 -23.50
CA LEU B 107 17.46 -19.75 -24.34
C LEU B 107 15.96 -19.48 -24.16
N ASP B 108 15.57 -19.18 -22.93
CA ASP B 108 14.16 -18.98 -22.59
C ASP B 108 13.59 -17.71 -23.22
N MET B 109 14.30 -16.59 -23.10
CA MET B 109 13.69 -15.33 -23.55
C MET B 109 14.57 -14.49 -24.47
N GLY B 110 15.75 -14.99 -24.81
CA GLY B 110 16.51 -14.44 -25.92
C GLY B 110 17.57 -13.40 -25.64
N LYS B 111 17.83 -13.07 -24.38
CA LYS B 111 18.83 -12.04 -24.12
C LYS B 111 20.24 -12.59 -24.31
N PRO B 112 21.20 -11.72 -24.67
CA PRO B 112 22.57 -12.16 -24.92
C PRO B 112 23.19 -12.90 -23.74
N ILE B 113 23.89 -13.99 -24.02
CA ILE B 113 24.49 -14.82 -22.99
C ILE B 113 25.45 -14.01 -22.10
N SER B 114 26.12 -13.01 -22.67
CA SER B 114 27.06 -12.22 -21.88
C SER B 114 26.32 -11.32 -20.92
N ASP B 115 25.10 -10.94 -21.26
CA ASP B 115 24.26 -10.16 -20.34
C ASP B 115 23.66 -11.06 -19.25
N SER B 116 23.15 -12.24 -19.63
CA SER B 116 22.68 -13.22 -18.66
C SER B 116 23.73 -13.51 -17.60
N LEU B 117 24.95 -13.76 -18.08
CA LEU B 117 26.03 -14.15 -17.20
C LEU B 117 26.59 -12.97 -16.40
N GLY B 118 26.67 -11.81 -17.03
CA GLY B 118 27.33 -10.67 -16.43
C GLY B 118 26.41 -9.76 -15.63
N VAL B 119 25.14 -9.73 -15.99
CA VAL B 119 24.21 -8.83 -15.32
C VAL B 119 23.13 -9.57 -14.53
N ASP B 120 22.40 -10.46 -15.17
CA ASP B 120 21.21 -11.07 -14.56
C ASP B 120 21.48 -11.98 -13.36
N ILE B 121 22.34 -12.98 -13.56
CA ILE B 121 22.65 -13.92 -12.49
C ILE B 121 23.32 -13.21 -11.30
N PRO B 122 24.39 -12.43 -11.54
CA PRO B 122 24.94 -11.71 -10.38
C PRO B 122 23.95 -10.72 -9.76
N GLY B 123 23.09 -10.10 -10.57
CA GLY B 123 22.06 -9.20 -10.06
C GLY B 123 21.08 -9.92 -9.14
N GLY B 124 20.68 -11.11 -9.55
CA GLY B 124 19.79 -11.94 -8.76
C GLY B 124 20.41 -12.40 -7.45
N ALA B 125 21.64 -12.88 -7.53
CA ALA B 125 22.32 -13.36 -6.34
C ALA B 125 22.53 -12.23 -5.34
N ARG B 126 22.86 -11.06 -5.85
CA ARG B 126 23.14 -9.88 -5.02
C ARG B 126 21.86 -9.44 -4.29
N ALA B 127 20.72 -9.57 -4.94
CA ALA B 127 19.45 -9.25 -4.29
C ALA B 127 19.17 -10.24 -3.16
N LEU B 128 19.51 -11.52 -3.34
CA LEU B 128 19.27 -12.49 -2.28
C LEU B 128 20.23 -12.30 -1.10
N SER B 129 21.50 -12.06 -1.39
CA SER B 129 22.48 -12.00 -0.31
C SER B 129 22.40 -10.65 0.43
N TRP B 130 22.17 -9.57 -0.29
CA TRP B 130 22.08 -8.24 0.34
C TRP B 130 20.90 -8.23 1.29
N SER B 131 19.77 -8.76 0.82
CA SER B 131 18.57 -8.83 1.62
C SER B 131 18.82 -9.71 2.85
N GLY B 132 19.50 -10.83 2.65
CA GLY B 132 19.85 -11.72 3.74
C GLY B 132 20.76 -11.01 4.74
N GLU B 133 21.79 -10.33 4.23
CA GLU B 133 22.70 -9.54 5.06
C GLU B 133 21.96 -8.50 5.92
N ALA B 134 20.88 -7.96 5.41
CA ALA B 134 20.17 -6.86 6.08
C ALA B 134 19.35 -7.33 7.27
N ILE B 135 18.98 -8.60 7.30
CA ILE B 135 17.99 -9.10 8.26
C ILE B 135 18.25 -8.66 9.72
N ASP B 136 19.43 -8.94 10.25
CA ASP B 136 19.72 -8.56 11.63
C ASP B 136 20.39 -7.19 11.76
N LYS B 137 20.29 -6.36 10.72
CA LYS B 137 20.73 -4.98 10.82
C LYS B 137 19.52 -4.06 11.01
N LEU B 138 18.32 -4.62 10.86
CA LEU B 138 17.09 -3.86 11.04
C LEU B 138 16.65 -3.81 12.49
N TYR B 139 16.23 -2.65 12.95
CA TYR B 139 15.68 -2.50 14.29
C TYR B 139 14.25 -1.98 14.23
N ASP B 140 13.38 -2.49 15.07
CA ASP B 140 12.05 -1.94 15.21
C ASP B 140 12.10 -0.82 16.28
N GLU B 141 10.96 -0.45 16.87
CA GLU B 141 10.92 0.81 17.63
C GLU B 141 10.32 0.68 19.02
N VAL B 142 10.77 1.56 19.92
CA VAL B 142 10.20 1.74 21.24
C VAL B 142 9.78 3.20 21.40
N ALA B 143 8.48 3.43 21.61
CA ALA B 143 7.93 4.77 21.65
C ALA B 143 8.29 5.52 22.94
N ALA B 144 8.29 6.85 22.88
CA ALA B 144 8.40 7.68 24.09
C ALA B 144 7.06 7.73 24.80
N THR B 145 6.97 7.13 25.98
CA THR B 145 5.70 6.96 26.66
C THR B 145 5.83 7.32 28.15
N PRO B 146 4.69 7.45 28.88
CA PRO B 146 4.78 7.66 30.33
C PRO B 146 5.49 6.50 31.03
N HIS B 147 5.91 6.74 32.26
CA HIS B 147 6.72 5.79 33.02
C HIS B 147 6.03 4.45 33.25
N ASP B 148 4.70 4.41 33.26
CA ASP B 148 4.00 3.18 33.56
C ASP B 148 3.54 2.46 32.28
N GLN B 149 4.13 2.85 31.15
CA GLN B 149 3.85 2.25 29.86
C GLN B 149 5.12 1.82 29.11
N LEU B 150 5.03 0.71 28.40
CA LEU B 150 6.06 0.30 27.44
C LEU B 150 5.37 0.11 26.10
N GLY B 151 5.75 0.92 25.12
CA GLY B 151 5.14 0.90 23.82
C GLY B 151 6.09 0.35 22.79
N LEU B 152 5.78 -0.82 22.24
CA LEU B 152 6.61 -1.44 21.22
C LEU B 152 5.97 -1.29 19.85
N VAL B 153 6.78 -0.97 18.86
CA VAL B 153 6.28 -0.91 17.51
C VAL B 153 7.16 -1.83 16.67
N THR B 154 6.62 -3.00 16.35
CA THR B 154 7.41 -4.05 15.73
C THR B 154 6.83 -4.46 14.39
N ARG B 155 7.63 -5.19 13.63
CA ARG B 155 7.23 -5.71 12.33
C ARG B 155 7.20 -7.22 12.35
N GLU B 156 6.19 -7.77 11.68
CA GLU B 156 5.99 -9.20 11.57
C GLU B 156 5.70 -9.57 10.13
N PRO B 157 6.12 -10.77 9.71
CA PRO B 157 5.83 -11.20 8.34
C PRO B 157 4.32 -11.34 8.10
N VAL B 158 3.86 -11.00 6.91
CA VAL B 158 2.43 -11.07 6.62
C VAL B 158 1.89 -12.51 6.52
N GLY B 159 2.73 -13.45 6.09
CA GLY B 159 2.32 -14.84 6.04
C GLY B 159 2.62 -15.48 4.70
N VAL B 160 1.60 -15.51 3.84
CA VAL B 160 1.73 -16.08 2.51
C VAL B 160 1.76 -15.00 1.44
N VAL B 161 2.86 -14.97 0.69
CA VAL B 161 3.05 -13.98 -0.35
C VAL B 161 2.96 -14.59 -1.76
N ALA B 162 2.11 -14.05 -2.62
CA ALA B 162 2.16 -14.42 -4.03
C ALA B 162 3.05 -13.43 -4.80
N ALA B 163 4.02 -13.95 -5.54
CA ALA B 163 4.85 -13.08 -6.37
C ALA B 163 4.69 -13.44 -7.84
N ILE B 164 4.21 -12.47 -8.60
CA ILE B 164 3.95 -12.64 -10.01
C ILE B 164 4.90 -11.75 -10.82
N VAL B 165 5.70 -12.38 -11.68
CA VAL B 165 6.81 -11.65 -12.30
C VAL B 165 6.83 -11.76 -13.83
N PRO B 166 7.54 -10.84 -14.51
CA PRO B 166 7.51 -10.79 -15.96
C PRO B 166 8.70 -11.51 -16.59
N TRP B 167 8.84 -11.37 -17.90
CA TRP B 167 9.80 -12.17 -18.66
C TRP B 167 11.09 -11.46 -19.09
N ASN B 168 11.23 -10.15 -18.83
CA ASN B 168 12.38 -9.42 -19.38
C ASN B 168 13.65 -9.59 -18.55
N PHE B 169 13.48 -9.75 -17.24
CA PHE B 169 14.60 -10.13 -16.37
C PHE B 169 14.10 -11.21 -15.42
N PRO B 170 13.86 -12.42 -15.93
CA PRO B 170 13.13 -13.48 -15.21
C PRO B 170 13.74 -13.78 -13.85
N LEU B 171 15.03 -14.09 -13.81
CA LEU B 171 15.64 -14.43 -12.54
C LEU B 171 15.82 -13.22 -11.63
N MET B 172 16.26 -12.11 -12.19
CA MET B 172 16.56 -10.96 -11.35
C MET B 172 15.30 -10.42 -10.68
N MET B 173 14.23 -10.23 -11.44
CA MET B 173 12.96 -9.76 -10.90
C MET B 173 12.40 -10.71 -9.86
N ALA B 174 12.56 -12.01 -10.10
CA ALA B 174 12.16 -12.98 -9.11
C ALA B 174 12.93 -12.73 -7.79
N CYS B 175 14.26 -12.59 -7.89
CA CYS B 175 15.08 -12.35 -6.70
C CYS B 175 14.80 -11.00 -6.03
N TRP B 176 14.41 -9.99 -6.80
CA TRP B 176 14.00 -8.73 -6.18
C TRP B 176 12.84 -8.91 -5.22
N LYS B 177 11.94 -9.86 -5.53
CA LYS B 177 10.83 -10.18 -4.64
C LYS B 177 11.28 -11.15 -3.55
N LEU B 178 11.94 -12.23 -3.96
CA LEU B 178 12.31 -13.31 -3.05
C LEU B 178 13.25 -12.87 -1.92
N GLY B 179 14.22 -12.04 -2.23
CA GLY B 179 15.18 -11.60 -1.22
C GLY B 179 14.50 -11.08 0.03
N PRO B 180 13.74 -9.99 -0.11
CA PRO B 180 13.06 -9.43 1.07
C PRO B 180 11.90 -10.29 1.59
N ALA B 181 11.13 -10.90 0.69
CA ALA B 181 9.98 -11.68 1.13
C ALA B 181 10.42 -12.88 1.99
N LEU B 182 11.44 -13.59 1.56
CA LEU B 182 11.92 -14.75 2.29
C LEU B 182 12.68 -14.32 3.53
N SER B 183 13.49 -13.25 3.39
CA SER B 183 14.31 -12.77 4.51
C SER B 183 13.47 -12.39 5.72
N THR B 184 12.28 -11.86 5.46
CA THR B 184 11.40 -11.45 6.54
C THR B 184 10.63 -12.63 7.15
N GLY B 185 10.73 -13.81 6.55
CA GLY B 185 10.10 -14.98 7.14
C GLY B 185 8.85 -15.53 6.47
N ASN B 186 8.39 -14.87 5.41
CA ASN B 186 7.20 -15.32 4.70
C ASN B 186 7.37 -16.64 3.91
N SER B 187 6.26 -17.32 3.66
CA SER B 187 6.22 -18.30 2.59
C SER B 187 5.84 -17.59 1.31
N VAL B 188 6.43 -18.03 0.19
CA VAL B 188 6.21 -17.38 -1.10
C VAL B 188 5.78 -18.38 -2.15
N VAL B 189 4.73 -18.03 -2.89
CA VAL B 189 4.35 -18.77 -4.09
C VAL B 189 4.72 -17.91 -5.29
N LEU B 190 5.73 -18.37 -6.01
CA LEU B 190 6.29 -17.63 -7.14
C LEU B 190 5.67 -18.10 -8.44
N LYS B 191 5.26 -17.13 -9.24
CA LYS B 191 4.50 -17.38 -10.44
C LYS B 191 5.20 -16.71 -11.62
N PRO B 192 6.17 -17.41 -12.23
CA PRO B 192 6.96 -16.83 -13.33
C PRO B 192 6.13 -16.60 -14.60
N SER B 193 6.60 -15.74 -15.48
CA SER B 193 5.94 -15.52 -16.75
C SER B 193 5.92 -16.80 -17.59
N GLU B 194 4.84 -17.01 -18.33
CA GLU B 194 4.76 -18.16 -19.23
C GLU B 194 5.76 -18.03 -20.37
N LYS B 195 6.29 -16.83 -20.57
CA LYS B 195 7.28 -16.59 -21.61
C LYS B 195 8.70 -16.86 -21.11
N SER B 196 8.84 -17.12 -19.81
CA SER B 196 10.18 -17.40 -19.27
C SER B 196 10.14 -18.12 -17.92
N PRO B 197 9.64 -19.36 -17.91
CA PRO B 197 9.44 -20.05 -16.64
C PRO B 197 10.69 -20.78 -16.12
N LEU B 198 11.70 -20.96 -16.95
CA LEU B 198 12.71 -21.97 -16.68
C LEU B 198 13.64 -21.68 -15.50
N THR B 199 14.11 -20.44 -15.36
CA THR B 199 15.01 -20.18 -14.24
C THR B 199 14.30 -20.24 -12.88
N ALA B 200 13.04 -19.80 -12.83
CA ALA B 200 12.25 -19.93 -11.59
C ALA B 200 12.08 -21.38 -11.20
N ILE B 201 11.71 -22.20 -12.18
CA ILE B 201 11.55 -23.63 -11.94
C ILE B 201 12.86 -24.21 -11.38
N ARG B 202 13.98 -23.82 -11.98
CA ARG B 202 15.26 -24.40 -11.60
C ARG B 202 15.73 -23.99 -10.20
N ILE B 203 15.53 -22.73 -9.82
CA ILE B 203 16.05 -22.29 -8.52
C ILE B 203 15.24 -22.81 -7.33
N ALA B 204 14.04 -23.36 -7.57
CA ALA B 204 13.23 -23.97 -6.50
C ALA B 204 14.02 -25.06 -5.77
N GLN B 205 14.74 -25.84 -6.55
CA GLN B 205 15.61 -26.88 -6.04
C GLN B 205 16.82 -26.30 -5.28
N LEU B 206 17.41 -25.25 -5.82
CA LEU B 206 18.53 -24.63 -5.14
C LEU B 206 18.13 -24.05 -3.76
N ALA B 207 16.90 -23.55 -3.65
CA ALA B 207 16.44 -23.02 -2.37
C ALA B 207 16.44 -24.12 -1.31
N ILE B 208 15.90 -25.27 -1.67
CA ILE B 208 15.92 -26.44 -0.80
C ILE B 208 17.35 -26.82 -0.40
N GLU B 209 18.25 -26.88 -1.37
CA GLU B 209 19.64 -27.20 -1.09
C GLU B 209 20.27 -26.17 -0.14
N ALA B 210 19.89 -24.91 -0.26
CA ALA B 210 20.43 -23.88 0.63
C ALA B 210 19.93 -24.01 2.07
N GLY B 211 18.82 -24.72 2.25
CA GLY B 211 18.23 -24.90 3.55
C GLY B 211 16.87 -24.22 3.74
N ILE B 212 16.29 -23.70 2.67
CA ILE B 212 14.92 -23.19 2.77
C ILE B 212 13.99 -24.40 2.97
N PRO B 213 13.19 -24.39 4.06
CA PRO B 213 12.31 -25.54 4.33
C PRO B 213 11.29 -25.80 3.22
N ALA B 214 10.88 -27.06 3.08
CA ALA B 214 9.80 -27.45 2.18
C ALA B 214 8.53 -26.64 2.43
N GLY B 215 7.95 -26.12 1.35
CA GLY B 215 6.72 -25.38 1.44
C GLY B 215 6.90 -23.88 1.53
N VAL B 216 8.12 -23.43 1.88
CA VAL B 216 8.38 -22.00 2.04
C VAL B 216 8.51 -21.30 0.68
N LEU B 217 9.06 -22.00 -0.31
CA LEU B 217 9.11 -21.49 -1.66
C LEU B 217 8.53 -22.49 -2.68
N ASN B 218 7.33 -22.18 -3.15
CA ASN B 218 6.67 -22.98 -4.17
C ASN B 218 6.64 -22.20 -5.48
N VAL B 219 6.77 -22.92 -6.59
CA VAL B 219 6.82 -22.29 -7.90
C VAL B 219 5.75 -22.87 -8.84
N LEU B 220 4.90 -22.01 -9.39
CA LEU B 220 3.82 -22.48 -10.25
C LEU B 220 3.91 -21.85 -11.64
N PRO B 221 4.55 -22.54 -12.60
CA PRO B 221 4.53 -22.04 -13.98
C PRO B 221 3.12 -22.16 -14.57
N GLY B 222 2.82 -21.37 -15.60
CA GLY B 222 1.48 -21.34 -16.16
C GLY B 222 1.07 -19.95 -16.57
N TYR B 223 -0.14 -19.82 -17.09
CA TYR B 223 -0.60 -18.57 -17.67
C TYR B 223 -1.07 -17.59 -16.61
N GLY B 224 -0.95 -16.31 -16.93
CA GLY B 224 -1.46 -15.26 -16.08
C GLY B 224 -2.95 -15.43 -15.82
N HIS B 225 -3.70 -15.70 -16.87
CA HIS B 225 -5.15 -15.71 -16.76
C HIS B 225 -5.69 -16.98 -16.14
N THR B 226 -4.80 -17.94 -15.83
CA THR B 226 -5.21 -19.12 -15.08
C THR B 226 -4.65 -19.11 -13.65
N VAL B 227 -3.41 -19.56 -13.46
CA VAL B 227 -2.90 -19.67 -12.10
C VAL B 227 -2.57 -18.28 -11.52
N GLY B 228 -2.13 -17.35 -12.37
CA GLY B 228 -1.82 -16.01 -11.89
C GLY B 228 -3.02 -15.33 -11.25
N LYS B 229 -4.11 -15.28 -12.01
CA LYS B 229 -5.41 -14.83 -11.54
C LYS B 229 -5.89 -15.57 -10.28
N ALA B 230 -5.68 -16.89 -10.25
CA ALA B 230 -6.13 -17.68 -9.13
C ALA B 230 -5.41 -17.29 -7.83
N LEU B 231 -4.11 -17.04 -7.92
CA LEU B 231 -3.35 -16.57 -6.75
C LEU B 231 -3.83 -15.19 -6.28
N ALA B 232 -4.07 -14.30 -7.24
CA ALA B 232 -4.50 -12.95 -6.93
C ALA B 232 -5.90 -12.91 -6.31
N LEU B 233 -6.73 -13.90 -6.62
CA LEU B 233 -8.07 -13.99 -6.05
C LEU B 233 -8.14 -14.91 -4.82
N HIS B 234 -7.01 -15.46 -4.39
CA HIS B 234 -7.07 -16.47 -3.35
C HIS B 234 -7.37 -15.87 -1.97
N MET B 235 -8.25 -16.51 -1.22
CA MET B 235 -8.72 -15.96 0.05
C MET B 235 -7.73 -16.17 1.21
N ASP B 236 -6.63 -16.86 0.96
CA ASP B 236 -5.66 -17.11 2.02
C ASP B 236 -4.26 -16.63 1.64
N VAL B 237 -4.18 -15.82 0.59
CA VAL B 237 -2.94 -15.13 0.26
C VAL B 237 -3.02 -13.74 0.90
N ASP B 238 -2.02 -13.38 1.69
CA ASP B 238 -2.05 -12.13 2.45
C ASP B 238 -1.63 -10.94 1.61
N THR B 239 -0.74 -11.19 0.67
CA THR B 239 -0.08 -10.12 -0.07
C THR B 239 0.26 -10.60 -1.46
N VAL B 240 0.02 -9.78 -2.48
CA VAL B 240 0.55 -10.09 -3.78
C VAL B 240 1.46 -8.97 -4.24
N VAL B 241 2.64 -9.35 -4.72
CA VAL B 241 3.56 -8.39 -5.30
C VAL B 241 3.69 -8.71 -6.76
N PHE B 242 3.79 -7.66 -7.58
CA PHE B 242 3.66 -7.82 -9.02
C PHE B 242 4.62 -6.92 -9.75
N THR B 243 5.16 -7.45 -10.83
CA THR B 243 5.94 -6.67 -11.77
C THR B 243 5.47 -7.05 -13.17
N GLY B 244 5.02 -6.06 -13.93
CA GLY B 244 4.47 -6.31 -15.24
C GLY B 244 3.83 -5.09 -15.87
N SER B 245 2.87 -5.32 -16.74
CA SER B 245 2.19 -4.23 -17.44
C SER B 245 1.24 -3.46 -16.51
N THR B 246 0.98 -2.22 -16.88
CA THR B 246 0.11 -1.37 -16.09
C THR B 246 -1.32 -1.91 -16.13
N LYS B 247 -1.74 -2.39 -17.29
CA LYS B 247 -3.07 -2.95 -17.45
C LYS B 247 -3.37 -4.11 -16.50
N ILE B 248 -2.44 -5.04 -16.38
CA ILE B 248 -2.65 -6.19 -15.51
C ILE B 248 -2.48 -5.79 -14.03
N ALA B 249 -1.59 -4.83 -13.79
CA ALA B 249 -1.42 -4.32 -12.43
C ALA B 249 -2.74 -3.79 -11.86
N LYS B 250 -3.49 -3.03 -12.66
CA LYS B 250 -4.80 -2.54 -12.26
C LYS B 250 -5.80 -3.66 -11.95
N GLN B 251 -5.75 -4.72 -12.76
CA GLN B 251 -6.62 -5.88 -12.54
C GLN B 251 -6.37 -6.54 -11.19
N LEU B 252 -5.13 -6.50 -10.71
CA LEU B 252 -4.81 -7.10 -9.43
C LEU B 252 -5.49 -6.36 -8.28
N MET B 253 -5.56 -5.04 -8.39
CA MET B 253 -6.28 -4.24 -7.40
C MET B 253 -7.73 -4.67 -7.37
N ILE B 254 -8.30 -4.89 -8.55
CA ILE B 254 -9.69 -5.31 -8.65
C ILE B 254 -9.87 -6.68 -8.00
N TYR B 255 -9.02 -7.65 -8.34
CA TYR B 255 -9.07 -8.99 -7.72
C TYR B 255 -8.95 -8.93 -6.20
N ALA B 256 -8.10 -8.05 -5.68
CA ALA B 256 -7.94 -7.96 -4.23
C ALA B 256 -9.25 -7.49 -3.60
N GLY B 257 -9.88 -6.52 -4.24
CA GLY B 257 -11.17 -6.01 -3.78
C GLY B 257 -12.27 -7.06 -3.87
N GLU B 258 -12.20 -7.93 -4.87
CA GLU B 258 -13.21 -8.97 -5.05
C GLU B 258 -13.00 -10.12 -4.09
N SER B 259 -11.80 -10.25 -3.54
CA SER B 259 -11.51 -11.39 -2.71
C SER B 259 -11.37 -11.00 -1.25
N ASN B 260 -10.14 -10.80 -0.78
CA ASN B 260 -9.93 -10.72 0.65
C ASN B 260 -9.18 -9.47 1.11
N MET B 261 -9.15 -8.43 0.28
CA MET B 261 -8.45 -7.20 0.62
C MET B 261 -6.97 -7.47 0.91
N LYS B 262 -6.39 -8.47 0.26
CA LYS B 262 -4.95 -8.69 0.36
C LYS B 262 -4.19 -7.42 -0.03
N ARG B 263 -3.02 -7.20 0.57
CA ARG B 263 -2.19 -6.06 0.18
C ARG B 263 -1.73 -6.25 -1.25
N VAL B 264 -1.67 -5.16 -2.01
CA VAL B 264 -1.26 -5.23 -3.41
C VAL B 264 -0.12 -4.26 -3.67
N TRP B 265 1.02 -4.78 -4.14
CA TRP B 265 2.17 -3.93 -4.43
C TRP B 265 2.56 -4.11 -5.88
N LEU B 266 2.71 -3.01 -6.60
CA LEU B 266 2.80 -3.04 -8.06
C LEU B 266 4.01 -2.32 -8.59
N GLU B 267 4.69 -2.96 -9.54
CA GLU B 267 5.71 -2.33 -10.35
C GLU B 267 5.32 -2.50 -11.81
N ALA B 268 4.97 -1.39 -12.45
CA ALA B 268 4.37 -1.47 -13.76
C ALA B 268 5.22 -0.77 -14.80
N GLY B 269 4.60 -0.28 -15.86
CA GLY B 269 5.34 0.22 -16.99
C GLY B 269 5.98 1.58 -16.78
N GLY B 270 6.62 2.08 -17.83
CA GLY B 270 7.30 3.36 -17.77
C GLY B 270 7.52 3.96 -19.15
N LYS B 271 7.73 5.27 -19.18
CA LYS B 271 8.07 5.99 -20.40
C LYS B 271 9.08 7.05 -20.00
N SER B 272 10.25 6.59 -19.56
CA SER B 272 11.18 7.44 -18.87
C SER B 272 11.85 8.48 -19.77
N PRO B 273 11.80 9.74 -19.35
CA PRO B 273 12.46 10.87 -20.01
C PRO B 273 13.94 10.97 -19.66
N ASN B 274 14.77 11.10 -20.69
CA ASN B 274 16.21 11.29 -20.54
C ASN B 274 16.56 12.70 -21.01
N ILE B 275 16.71 13.62 -20.06
CA ILE B 275 16.85 15.05 -20.36
C ILE B 275 18.31 15.50 -20.44
N VAL B 276 18.73 15.93 -21.63
CA VAL B 276 20.11 16.35 -21.85
C VAL B 276 20.17 17.85 -22.07
N PHE B 277 20.75 18.57 -21.12
CA PHE B 277 20.93 20.01 -21.25
C PHE B 277 22.20 20.33 -22.02
N ALA B 278 22.25 21.53 -22.59
CA ALA B 278 23.42 21.98 -23.34
C ALA B 278 24.68 21.99 -22.47
N ASP B 279 24.53 22.20 -21.17
CA ASP B 279 25.72 22.23 -20.32
C ASP B 279 26.03 20.89 -19.65
N ALA B 280 25.55 19.79 -20.21
CA ALA B 280 25.98 18.47 -19.75
C ALA B 280 27.49 18.44 -19.67
N PRO B 281 28.05 17.82 -18.63
CA PRO B 281 29.51 17.82 -18.45
C PRO B 281 30.26 17.03 -19.52
N ASP B 282 29.63 15.99 -20.03
CA ASP B 282 30.27 15.11 -21.01
C ASP B 282 29.25 14.63 -22.04
N LEU B 283 29.16 15.32 -23.17
CA LEU B 283 28.14 15.00 -24.15
C LEU B 283 28.34 13.61 -24.73
N GLN B 284 29.59 13.21 -24.92
CA GLN B 284 29.86 11.88 -25.46
C GLN B 284 29.33 10.81 -24.52
N ALA B 285 29.58 11.00 -23.22
CA ALA B 285 29.03 10.09 -22.21
C ALA B 285 27.50 10.10 -22.28
N ALA B 286 26.92 11.28 -22.46
CA ALA B 286 25.47 11.38 -22.52
C ALA B 286 24.93 10.67 -23.77
N ALA B 287 25.66 10.75 -24.88
CA ALA B 287 25.24 10.07 -26.10
C ALA B 287 25.34 8.55 -25.98
N ASP B 288 26.47 8.07 -25.47
CA ASP B 288 26.65 6.63 -25.24
C ASP B 288 25.55 6.07 -24.35
N SER B 289 25.29 6.77 -23.25
CA SER B 289 24.28 6.34 -22.29
C SER B 289 22.89 6.40 -22.89
N ALA B 290 22.65 7.37 -23.77
CA ALA B 290 21.32 7.49 -24.37
C ALA B 290 21.01 6.33 -25.30
N ALA B 291 22.04 5.85 -26.00
CA ALA B 291 21.87 4.71 -26.90
C ALA B 291 21.75 3.43 -26.08
N SER B 292 22.63 3.26 -25.09
CA SER B 292 22.54 2.15 -24.15
C SER B 292 21.16 2.08 -23.48
N ALA B 293 20.63 3.24 -23.10
CA ALA B 293 19.37 3.32 -22.37
C ALA B 293 18.19 2.76 -23.15
N ILE B 294 18.31 2.70 -24.46
CA ILE B 294 17.22 2.21 -25.28
C ILE B 294 17.53 0.86 -25.92
N ALA B 295 18.81 0.56 -26.14
CA ALA B 295 19.19 -0.67 -26.85
C ALA B 295 19.49 -1.84 -25.92
N PHE B 296 19.99 -1.56 -24.72
CA PHE B 296 20.31 -2.64 -23.77
C PHE B 296 19.09 -3.53 -23.49
N ASN B 297 19.34 -4.83 -23.40
CA ASN B 297 18.26 -5.84 -23.32
C ASN B 297 17.15 -5.63 -24.33
N GLN B 298 17.52 -5.29 -25.56
CA GLN B 298 16.57 -5.13 -26.67
C GLN B 298 15.51 -4.06 -26.38
N GLY B 299 15.81 -3.14 -25.47
CA GLY B 299 14.86 -2.13 -25.06
C GLY B 299 13.66 -2.71 -24.32
N GLU B 300 13.80 -3.97 -23.88
CA GLU B 300 12.78 -4.63 -23.07
C GLU B 300 13.10 -4.39 -21.62
N VAL B 301 13.07 -3.11 -21.27
CA VAL B 301 13.44 -2.60 -19.97
C VAL B 301 12.43 -1.52 -19.62
N CYS B 302 11.79 -1.65 -18.47
CA CYS B 302 10.74 -0.70 -18.16
C CYS B 302 11.29 0.70 -17.84
N THR B 303 12.54 0.78 -17.39
CA THR B 303 13.20 2.10 -17.28
C THR B 303 13.95 2.50 -18.54
N ALA B 304 13.62 1.90 -19.68
CA ALA B 304 14.30 2.29 -20.92
C ALA B 304 14.13 3.79 -21.12
N GLY B 305 15.21 4.46 -21.51
CA GLY B 305 15.14 5.88 -21.77
C GLY B 305 14.49 6.11 -23.13
N SER B 306 13.20 5.86 -23.20
CA SER B 306 12.49 5.81 -24.48
C SER B 306 12.11 7.20 -25.02
N ARG B 307 12.09 8.21 -24.16
CA ARG B 307 11.92 9.60 -24.58
C ARG B 307 13.20 10.38 -24.29
N LEU B 308 13.93 10.75 -25.35
CA LEU B 308 15.12 11.55 -25.20
C LEU B 308 14.78 13.01 -25.41
N LEU B 309 14.86 13.80 -24.35
CA LEU B 309 14.58 15.24 -24.38
C LEU B 309 15.88 16.01 -24.48
N VAL B 310 16.09 16.71 -25.59
CA VAL B 310 17.37 17.37 -25.79
C VAL B 310 17.18 18.89 -25.95
N GLU B 311 18.03 19.66 -25.27
CA GLU B 311 17.99 21.11 -25.39
C GLU B 311 18.31 21.49 -26.83
N ARG B 312 17.51 22.37 -27.40
CA ARG B 312 17.51 22.58 -28.84
C ARG B 312 18.86 23.04 -29.37
N SER B 313 19.59 23.84 -28.59
CA SER B 313 20.85 24.40 -29.04
C SER B 313 21.95 23.36 -29.26
N ILE B 314 21.79 22.17 -28.72
CA ILE B 314 22.79 21.12 -28.96
C ILE B 314 22.25 19.96 -29.80
N LYS B 315 20.97 20.05 -30.15
CA LYS B 315 20.30 18.99 -30.88
C LYS B 315 21.01 18.57 -32.17
N ASP B 316 21.45 19.53 -32.97
CA ASP B 316 22.07 19.20 -34.25
C ASP B 316 23.43 18.51 -34.07
N ARG B 317 24.15 18.87 -33.02
CA ARG B 317 25.41 18.22 -32.74
C ARG B 317 25.19 16.86 -32.06
N PHE B 318 24.16 16.79 -31.20
CA PHE B 318 23.99 15.65 -30.30
C PHE B 318 23.37 14.43 -30.98
N LEU B 319 22.35 14.64 -31.80
CA LEU B 319 21.65 13.51 -32.42
C LEU B 319 22.57 12.62 -33.29
N PRO B 320 23.45 13.22 -34.11
CA PRO B 320 24.41 12.35 -34.81
C PRO B 320 25.27 11.53 -33.87
N MET B 321 25.64 12.10 -32.72
CA MET B 321 26.42 11.36 -31.72
C MET B 321 25.63 10.17 -31.19
N VAL B 322 24.33 10.35 -31.02
CA VAL B 322 23.45 9.29 -30.53
C VAL B 322 23.28 8.19 -31.59
N ILE B 323 22.99 8.60 -32.81
CA ILE B 323 22.91 7.68 -33.95
C ILE B 323 24.19 6.85 -34.08
N GLU B 324 25.34 7.52 -34.04
CA GLU B 324 26.60 6.81 -34.12
C GLU B 324 26.74 5.79 -32.98
N ALA B 325 26.44 6.20 -31.76
CA ALA B 325 26.56 5.32 -30.61
C ALA B 325 25.63 4.14 -30.73
N LEU B 326 24.41 4.39 -31.21
CA LEU B 326 23.40 3.33 -31.32
C LEU B 326 23.85 2.28 -32.32
N GLY B 327 24.66 2.70 -33.28
CA GLY B 327 25.13 1.80 -34.32
C GLY B 327 26.05 0.71 -33.84
N THR B 328 26.61 0.87 -32.63
CA THR B 328 27.47 -0.16 -32.07
C THR B 328 26.66 -1.25 -31.36
N TRP B 329 25.34 -1.06 -31.25
CA TRP B 329 24.49 -2.07 -30.66
C TRP B 329 23.83 -2.86 -31.78
N LYS B 330 24.34 -4.07 -32.02
CA LYS B 330 23.92 -4.86 -33.17
C LYS B 330 23.35 -6.21 -32.75
N PRO B 331 22.10 -6.48 -33.18
CA PRO B 331 21.45 -7.77 -32.98
C PRO B 331 22.30 -8.89 -33.58
N GLY B 332 22.31 -10.04 -32.91
CA GLY B 332 23.08 -11.17 -33.38
C GLY B 332 22.70 -12.39 -32.55
N ASN B 333 23.38 -13.50 -32.81
CA ASN B 333 23.16 -14.75 -32.10
C ASN B 333 23.37 -14.58 -30.60
N PRO B 334 22.32 -14.82 -29.80
CA PRO B 334 22.39 -14.64 -28.34
C PRO B 334 23.40 -15.54 -27.66
N LEU B 335 23.69 -16.69 -28.26
CA LEU B 335 24.65 -17.62 -27.67
C LEU B 335 26.09 -17.28 -28.04
N ASP B 336 26.26 -16.25 -28.86
CA ASP B 336 27.58 -15.71 -29.15
C ASP B 336 27.95 -14.66 -28.07
N PRO B 337 29.07 -14.86 -27.37
CA PRO B 337 29.49 -13.97 -26.28
C PRO B 337 29.72 -12.54 -26.73
N ALA B 338 29.99 -12.35 -28.02
CA ALA B 338 30.26 -11.04 -28.56
C ALA B 338 28.97 -10.23 -28.78
N THR B 339 27.84 -10.93 -28.91
CA THR B 339 26.56 -10.27 -29.17
C THR B 339 26.13 -9.33 -28.04
N ASN B 340 25.73 -8.10 -28.36
CA ASN B 340 25.27 -7.15 -27.33
C ASN B 340 23.77 -6.81 -27.40
N VAL B 341 23.11 -7.24 -28.47
CA VAL B 341 21.65 -7.15 -28.58
C VAL B 341 21.11 -8.51 -29.06
N GLY B 342 20.17 -9.06 -28.32
CA GLY B 342 19.68 -10.38 -28.63
C GLY B 342 18.37 -10.36 -29.39
N ALA B 343 17.61 -11.44 -29.23
CA ALA B 343 16.31 -11.56 -29.85
C ALA B 343 15.25 -10.94 -28.96
N LEU B 344 14.14 -10.52 -29.55
CA LEU B 344 12.94 -10.18 -28.79
C LEU B 344 12.28 -11.49 -28.33
N VAL B 345 11.50 -11.42 -27.26
CA VAL B 345 11.07 -12.61 -26.55
C VAL B 345 10.22 -13.55 -27.40
N ASP B 346 9.45 -13.00 -28.34
CA ASP B 346 8.64 -13.83 -29.22
C ASP B 346 8.02 -13.04 -30.37
N THR B 347 7.28 -13.76 -31.21
CA THR B 347 6.67 -13.17 -32.40
C THR B 347 5.64 -12.10 -32.05
N GLN B 348 4.86 -12.39 -31.01
CA GLN B 348 3.86 -11.45 -30.53
C GLN B 348 4.49 -10.12 -30.13
N GLN B 349 5.62 -10.21 -29.42
CA GLN B 349 6.33 -9.02 -28.95
C GLN B 349 6.92 -8.27 -30.14
N MET B 350 7.52 -9.00 -31.08
CA MET B 350 8.12 -8.37 -32.25
C MET B 350 7.10 -7.63 -33.11
N ASN B 351 5.90 -8.19 -33.23
CA ASN B 351 4.89 -7.58 -34.08
C ASN B 351 4.31 -6.32 -33.43
N THR B 352 4.20 -6.33 -32.10
CA THR B 352 3.88 -5.11 -31.35
C THR B 352 4.90 -4.00 -31.62
N VAL B 353 6.17 -4.31 -31.53
CA VAL B 353 7.23 -3.33 -31.76
C VAL B 353 7.19 -2.80 -33.19
N LEU B 354 6.99 -3.70 -34.15
CA LEU B 354 6.90 -3.31 -35.55
C LEU B 354 5.69 -2.43 -35.82
N SER B 355 4.60 -2.71 -35.10
CA SER B 355 3.40 -1.91 -35.27
C SER B 355 3.58 -0.51 -34.71
N TYR B 356 4.41 -0.39 -33.67
CA TYR B 356 4.68 0.92 -33.08
C TYR B 356 5.59 1.73 -34.00
N ILE B 357 6.54 1.05 -34.62
CA ILE B 357 7.41 1.68 -35.61
C ILE B 357 6.59 2.22 -36.78
N ALA B 358 5.59 1.44 -37.20
CA ALA B 358 4.66 1.89 -38.24
C ALA B 358 3.90 3.11 -37.76
N ALA B 359 3.51 3.09 -36.49
CA ALA B 359 2.78 4.20 -35.87
C ALA B 359 3.63 5.47 -35.78
N GLY B 360 4.95 5.29 -35.69
CA GLY B 360 5.87 6.41 -35.68
C GLY B 360 5.80 7.15 -37.01
N HIS B 361 5.79 6.39 -38.10
CA HIS B 361 5.65 6.96 -39.43
C HIS B 361 4.30 7.65 -39.56
N THR B 362 3.24 6.94 -39.19
CA THR B 362 1.88 7.44 -39.36
C THR B 362 1.63 8.78 -38.67
N ASP B 363 2.09 8.92 -37.42
CA ASP B 363 1.78 10.11 -36.65
C ASP B 363 2.67 11.28 -37.01
N GLY B 364 3.64 11.06 -37.89
CA GLY B 364 4.43 12.14 -38.43
C GLY B 364 5.89 12.25 -38.03
N ALA B 365 6.41 11.29 -37.28
CA ALA B 365 7.81 11.33 -36.87
C ALA B 365 8.76 11.00 -38.03
N ARG B 366 10.02 11.37 -37.88
CA ARG B 366 11.03 11.14 -38.92
C ARG B 366 12.00 10.02 -38.54
N LEU B 367 12.03 8.96 -39.32
CA LEU B 367 12.94 7.85 -39.07
C LEU B 367 14.37 8.24 -39.41
N VAL B 368 15.26 8.20 -38.43
CA VAL B 368 16.66 8.55 -38.69
C VAL B 368 17.63 7.41 -38.39
N ALA B 369 17.12 6.30 -37.86
CA ALA B 369 17.94 5.11 -37.70
C ALA B 369 17.10 3.85 -37.49
N GLY B 370 17.63 2.72 -37.97
CA GLY B 370 17.00 1.42 -37.82
C GLY B 370 15.69 1.32 -38.56
N GLY B 371 14.70 0.67 -37.95
CA GLY B 371 13.34 0.71 -38.45
C GLY B 371 12.78 -0.60 -38.96
N LYS B 372 13.61 -1.64 -39.03
CA LYS B 372 13.17 -2.89 -39.64
C LYS B 372 13.53 -4.14 -38.84
N GLN B 373 12.76 -5.18 -39.08
CA GLN B 373 13.08 -6.53 -38.61
C GLN B 373 14.29 -7.04 -39.37
N ILE B 374 15.12 -7.87 -38.73
CA ILE B 374 16.26 -8.48 -39.42
C ILE B 374 16.51 -9.92 -39.00
N LEU B 375 17.43 -10.58 -39.72
CA LEU B 375 17.89 -11.93 -39.42
C LEU B 375 16.74 -12.95 -39.44
N GLN B 376 15.78 -12.75 -40.33
CA GLN B 376 14.63 -13.67 -40.48
C GLN B 376 15.05 -15.12 -40.69
N GLU B 377 16.15 -15.29 -41.43
CA GLU B 377 16.64 -16.61 -41.80
C GLU B 377 16.99 -17.50 -40.60
N THR B 378 17.23 -16.89 -39.45
CA THR B 378 17.63 -17.64 -38.26
C THR B 378 16.47 -18.44 -37.64
N GLY B 379 15.24 -18.08 -38.00
CA GLY B 379 14.08 -18.63 -37.33
C GLY B 379 13.83 -17.97 -35.99
N GLY B 380 14.51 -16.85 -35.75
CA GLY B 380 14.33 -16.07 -34.53
C GLY B 380 13.78 -14.69 -34.80
N THR B 381 13.48 -13.94 -33.74
CA THR B 381 12.87 -12.62 -33.86
C THR B 381 13.80 -11.50 -33.43
N TYR B 382 14.23 -10.67 -34.39
CA TYR B 382 15.18 -9.60 -34.14
C TYR B 382 14.74 -8.30 -34.81
N VAL B 383 15.00 -7.18 -34.15
CA VAL B 383 14.65 -5.86 -34.69
C VAL B 383 15.81 -4.90 -34.45
N GLU B 384 16.13 -4.08 -35.45
CA GLU B 384 17.17 -3.07 -35.33
C GLU B 384 16.82 -2.04 -34.27
N PRO B 385 17.79 -1.65 -33.44
CA PRO B 385 17.55 -0.46 -32.60
C PRO B 385 17.15 0.71 -33.49
N THR B 386 16.10 1.43 -33.11
CA THR B 386 15.43 2.38 -34.00
C THR B 386 15.26 3.75 -33.35
N ILE B 387 15.44 4.82 -34.14
CA ILE B 387 15.25 6.19 -33.64
C ILE B 387 14.30 7.01 -34.50
N PHE B 388 13.36 7.68 -33.86
CA PHE B 388 12.52 8.68 -34.52
C PHE B 388 12.83 10.09 -34.02
N ASP B 389 13.01 11.00 -34.96
CA ASP B 389 13.29 12.39 -34.67
C ASP B 389 12.04 13.21 -34.89
N GLY B 390 12.05 14.47 -34.45
CA GLY B 390 10.89 15.34 -34.61
C GLY B 390 9.65 14.79 -33.96
N VAL B 391 9.80 14.22 -32.77
CA VAL B 391 8.65 13.66 -32.07
C VAL B 391 8.01 14.71 -31.15
N ASN B 392 6.69 14.80 -31.21
CA ASN B 392 5.93 15.60 -30.27
C ASN B 392 5.38 14.70 -29.17
N ASN B 393 5.28 15.20 -27.94
CA ASN B 393 4.93 14.35 -26.81
C ASN B 393 3.51 13.78 -26.84
N ALA B 394 2.68 14.26 -27.77
CA ALA B 394 1.32 13.75 -27.90
C ALA B 394 1.24 12.58 -28.86
N MET B 395 2.32 12.33 -29.60
CA MET B 395 2.37 11.20 -30.50
C MET B 395 2.29 9.87 -29.73
N ARG B 396 1.75 8.84 -30.38
CA ARG B 396 1.57 7.53 -29.76
C ARG B 396 2.89 6.93 -29.29
N ILE B 397 3.95 7.09 -30.08
CA ILE B 397 5.23 6.53 -29.71
C ILE B 397 5.85 7.32 -28.57
N ALA B 398 5.24 8.46 -28.24
CA ALA B 398 5.71 9.27 -27.12
C ALA B 398 4.92 8.99 -25.83
N GLN B 399 3.65 8.62 -25.98
CA GLN B 399 2.80 8.37 -24.82
C GLN B 399 2.84 6.91 -24.35
N GLU B 400 2.95 5.98 -25.30
CA GLU B 400 2.76 4.56 -25.00
C GLU B 400 4.06 3.80 -24.88
N GLU B 401 4.14 2.93 -23.88
CA GLU B 401 5.32 2.11 -23.71
C GLU B 401 5.40 1.11 -24.86
N ILE B 402 6.56 1.04 -25.50
CA ILE B 402 6.72 0.19 -26.67
C ILE B 402 7.38 -1.14 -26.30
N PHE B 403 8.34 -1.08 -25.39
CA PHE B 403 9.05 -2.26 -24.88
C PHE B 403 9.77 -2.98 -26.00
N GLY B 404 10.42 -2.18 -26.84
CA GLY B 404 11.35 -2.67 -27.84
C GLY B 404 12.36 -1.56 -27.98
N PRO B 405 13.39 -1.75 -28.82
CA PRO B 405 14.47 -0.74 -28.90
C PRO B 405 14.10 0.44 -29.79
N VAL B 406 13.09 1.20 -29.40
CA VAL B 406 12.59 2.31 -30.21
C VAL B 406 12.68 3.64 -29.45
N LEU B 407 13.49 4.55 -29.98
CA LEU B 407 13.77 5.83 -29.32
C LEU B 407 12.96 6.99 -29.91
N SER B 408 12.36 7.80 -29.04
CA SER B 408 11.72 9.03 -29.49
C SER B 408 12.53 10.26 -29.07
N VAL B 409 12.83 11.12 -30.03
CA VAL B 409 13.61 12.32 -29.74
C VAL B 409 12.76 13.59 -29.74
N LEU B 410 12.79 14.30 -28.61
CA LEU B 410 12.01 15.53 -28.43
C LEU B 410 12.94 16.68 -28.05
N THR B 411 12.59 17.91 -28.40
CA THR B 411 13.43 19.05 -28.03
C THR B 411 12.73 20.05 -27.11
N PHE B 412 13.51 20.84 -26.39
CA PHE B 412 12.99 21.93 -25.55
C PHE B 412 13.97 23.09 -25.55
N ASP B 413 13.55 24.25 -25.05
CA ASP B 413 14.49 25.37 -24.96
C ASP B 413 14.63 25.97 -23.57
N THR B 414 13.75 25.61 -22.65
CA THR B 414 13.88 26.00 -21.25
C THR B 414 13.77 24.80 -20.32
N ALA B 415 14.30 24.94 -19.11
CA ALA B 415 14.21 23.89 -18.12
C ALA B 415 12.76 23.58 -17.76
N GLU B 416 11.98 24.64 -17.56
CA GLU B 416 10.58 24.51 -17.20
C GLU B 416 9.82 23.72 -18.26
N GLU B 417 10.17 23.92 -19.53
CA GLU B 417 9.51 23.17 -20.58
C GLU B 417 9.97 21.70 -20.55
N ALA B 418 11.25 21.46 -20.28
CA ALA B 418 11.75 20.10 -20.18
C ALA B 418 11.01 19.33 -19.11
N ILE B 419 10.78 20.00 -17.98
CA ILE B 419 10.08 19.38 -16.86
C ILE B 419 8.62 19.08 -17.21
N GLN B 420 7.95 20.04 -17.84
CA GLN B 420 6.55 19.89 -18.23
C GLN B 420 6.40 18.70 -19.17
N ILE B 421 7.29 18.60 -20.14
CA ILE B 421 7.24 17.50 -21.09
C ILE B 421 7.51 16.19 -20.38
N ALA B 422 8.52 16.16 -19.52
CA ALA B 422 8.92 14.95 -18.83
C ALA B 422 7.81 14.40 -17.91
N ASN B 423 7.07 15.30 -17.26
CA ASN B 423 6.00 14.88 -16.37
C ASN B 423 4.68 14.64 -17.10
N ASP B 424 4.65 14.91 -18.40
CA ASP B 424 3.42 14.78 -19.18
C ASP B 424 3.23 13.32 -19.63
N THR B 425 2.82 12.49 -18.68
CA THR B 425 2.76 11.04 -18.86
C THR B 425 1.92 10.47 -17.72
N PRO B 426 1.22 9.37 -17.94
CA PRO B 426 0.61 8.67 -16.81
C PRO B 426 1.64 7.90 -15.98
N TYR B 427 2.85 7.77 -16.51
CA TYR B 427 3.89 6.98 -15.86
C TYR B 427 4.79 7.81 -14.93
N GLY B 428 5.67 7.13 -14.21
CA GLY B 428 6.62 7.82 -13.34
C GLY B 428 7.64 6.86 -12.72
N LEU B 429 8.26 6.04 -13.54
CA LEU B 429 9.15 5.02 -13.02
C LEU B 429 10.55 5.57 -12.84
N ALA B 430 11.04 6.25 -13.87
CA ALA B 430 12.39 6.80 -13.83
C ALA B 430 12.51 8.02 -14.71
N ALA B 431 13.62 8.74 -14.53
CA ALA B 431 13.97 9.85 -15.39
C ALA B 431 15.46 10.12 -15.22
N ALA B 432 16.06 10.83 -16.17
CA ALA B 432 17.45 11.26 -16.01
C ALA B 432 17.67 12.73 -16.42
N VAL B 433 18.68 13.34 -15.83
CA VAL B 433 19.01 14.74 -16.07
C VAL B 433 20.50 14.89 -16.26
N TRP B 434 20.90 15.54 -17.36
CA TRP B 434 22.31 15.75 -17.61
C TRP B 434 22.64 17.25 -17.62
N THR B 435 23.35 17.71 -16.59
CA THR B 435 23.80 19.10 -16.49
C THR B 435 24.94 19.24 -15.47
N ALA B 436 25.85 20.18 -15.74
CA ALA B 436 26.95 20.45 -14.85
C ALA B 436 26.61 21.47 -13.75
N ASN B 437 25.43 22.06 -13.84
CA ASN B 437 25.06 23.15 -12.94
C ASN B 437 24.45 22.62 -11.65
N LEU B 438 24.99 23.03 -10.51
CA LEU B 438 24.52 22.53 -9.21
C LEU B 438 23.01 22.78 -8.98
N SER B 439 22.57 24.01 -9.12
CA SER B 439 21.17 24.35 -8.86
C SER B 439 20.25 23.65 -9.84
N LYS B 440 20.58 23.73 -11.11
CA LYS B 440 19.69 23.16 -12.12
C LYS B 440 19.56 21.65 -11.96
N ALA B 441 20.65 20.99 -11.56
CA ALA B 441 20.62 19.55 -11.34
C ALA B 441 19.62 19.17 -10.24
N HIS B 442 19.80 19.76 -9.05
CA HIS B 442 18.97 19.40 -7.91
C HIS B 442 17.51 19.86 -8.07
N LEU B 443 17.30 21.05 -8.60
CA LEU B 443 15.95 21.57 -8.76
C LEU B 443 15.17 20.81 -9.84
N THR B 444 15.84 20.45 -10.92
CA THR B 444 15.14 19.68 -11.95
C THR B 444 14.83 18.28 -11.43
N ALA B 445 15.80 17.66 -10.78
CA ALA B 445 15.62 16.34 -10.19
C ALA B 445 14.44 16.36 -9.21
N ARG B 446 14.37 17.40 -8.40
CA ARG B 446 13.31 17.49 -7.41
C ARG B 446 11.93 17.64 -8.07
N ALA B 447 11.89 18.25 -9.26
CA ALA B 447 10.64 18.55 -9.94
C ALA B 447 10.12 17.36 -10.76
N LEU B 448 10.97 16.38 -11.03
CA LEU B 448 10.55 15.22 -11.83
C LEU B 448 9.75 14.20 -11.01
N ARG B 449 8.57 13.83 -11.51
CA ARG B 449 7.70 12.93 -10.78
C ARG B 449 8.01 11.49 -11.16
N ALA B 450 9.12 10.98 -10.63
CA ALA B 450 9.58 9.64 -10.95
C ALA B 450 10.29 9.00 -9.75
N GLY B 451 10.17 7.68 -9.59
CA GLY B 451 10.72 7.00 -8.45
C GLY B 451 12.24 6.99 -8.45
N SER B 452 12.83 7.01 -9.64
CA SER B 452 14.28 7.10 -9.76
C SER B 452 14.64 8.26 -10.67
N VAL B 453 15.57 9.09 -10.21
CA VAL B 453 16.07 10.17 -11.05
C VAL B 453 17.57 10.05 -11.09
N TRP B 454 18.11 9.87 -12.28
CA TRP B 454 19.55 9.71 -12.43
C TRP B 454 20.16 11.01 -12.95
N VAL B 455 21.24 11.45 -12.33
CA VAL B 455 21.88 12.70 -12.72
C VAL B 455 23.27 12.45 -13.27
N ASN B 456 23.48 12.88 -14.51
CA ASN B 456 24.75 12.70 -15.22
C ASN B 456 25.15 11.22 -15.36
N GLN B 457 24.14 10.38 -15.44
CA GLN B 457 24.32 8.96 -15.72
C GLN B 457 22.94 8.43 -16.09
N TYR B 458 22.88 7.20 -16.58
CA TYR B 458 21.58 6.54 -16.75
C TYR B 458 21.66 5.15 -16.13
N ASP B 459 20.51 4.67 -15.66
CA ASP B 459 20.39 3.35 -15.04
C ASP B 459 21.27 3.21 -13.82
N GLY B 460 21.27 4.22 -12.96
CA GLY B 460 22.11 4.18 -11.79
C GLY B 460 21.53 3.42 -10.61
N GLY B 461 22.24 3.43 -9.50
CA GLY B 461 21.75 2.84 -8.27
C GLY B 461 22.15 1.39 -8.14
N ASP B 462 22.12 0.88 -6.91
CA ASP B 462 22.46 -0.51 -6.65
C ASP B 462 21.44 -1.04 -5.64
N MET B 463 21.80 -2.03 -4.85
CA MET B 463 20.83 -2.59 -3.91
C MET B 463 20.42 -1.58 -2.82
N THR B 464 21.17 -0.50 -2.64
CA THR B 464 20.83 0.49 -1.62
C THR B 464 19.75 1.46 -2.08
N ALA B 465 19.42 1.45 -3.37
CA ALA B 465 18.49 2.43 -3.95
C ALA B 465 17.10 1.85 -4.20
N PRO B 466 16.09 2.32 -3.46
CA PRO B 466 14.71 1.92 -3.71
C PRO B 466 14.33 2.15 -5.16
N PHE B 467 13.51 1.27 -5.71
CA PHE B 467 13.14 1.29 -7.11
C PHE B 467 11.64 1.03 -7.24
N GLY B 468 10.95 1.90 -7.97
CA GLY B 468 9.52 1.76 -8.19
C GLY B 468 8.91 3.06 -8.71
N GLY B 469 7.59 3.07 -8.87
CA GLY B 469 6.94 4.14 -9.60
C GLY B 469 6.14 5.16 -8.82
N PHE B 470 6.06 6.35 -9.41
CA PHE B 470 5.00 7.32 -9.13
C PHE B 470 3.82 6.94 -10.02
N LYS B 471 2.64 7.43 -9.68
CA LYS B 471 1.48 7.37 -10.58
C LYS B 471 1.21 5.95 -11.09
N GLN B 472 0.97 5.80 -12.39
CA GLN B 472 0.58 4.49 -12.90
C GLN B 472 1.76 3.55 -13.18
N SER B 473 2.96 3.95 -12.77
CA SER B 473 4.12 3.06 -12.81
C SER B 473 4.18 2.16 -11.58
N GLY B 474 3.27 2.35 -10.64
CA GLY B 474 3.14 1.44 -9.51
C GLY B 474 3.15 2.07 -8.13
N ASN B 475 3.16 1.22 -7.11
CA ASN B 475 3.24 1.61 -5.70
C ASN B 475 4.20 0.70 -4.95
N GLY B 476 4.91 1.24 -3.98
CA GLY B 476 5.90 0.47 -3.25
C GLY B 476 7.25 0.42 -3.96
N ARG B 477 8.24 -0.13 -3.29
CA ARG B 477 9.59 -0.13 -3.85
C ARG B 477 10.29 -1.48 -3.68
N ASP B 478 11.05 -1.86 -4.71
CA ASP B 478 11.97 -3.00 -4.64
C ASP B 478 13.38 -2.49 -4.38
N LYS B 479 14.24 -3.41 -3.94
CA LYS B 479 15.60 -3.10 -3.46
C LYS B 479 15.55 -2.23 -2.20
N SER B 480 16.73 -2.05 -1.60
CA SER B 480 16.92 -1.31 -0.34
C SER B 480 16.19 -1.97 0.82
N LEU B 481 16.24 -1.31 1.98
CA LEU B 481 15.54 -1.78 3.17
C LEU B 481 14.03 -1.52 3.05
N HIS B 482 13.65 -0.55 2.21
CA HIS B 482 12.26 -0.19 2.04
C HIS B 482 11.44 -1.32 1.41
N ALA B 483 12.11 -2.22 0.68
CA ALA B 483 11.41 -3.33 0.06
C ALA B 483 10.82 -4.26 1.10
N PHE B 484 11.48 -4.34 2.27
CA PHE B 484 11.02 -5.23 3.35
C PHE B 484 9.60 -4.88 3.84
N ASP B 485 9.26 -3.60 3.82
CA ASP B 485 7.97 -3.14 4.33
C ASP B 485 6.80 -3.70 3.55
N LYS B 486 7.03 -4.14 2.31
CA LYS B 486 5.98 -4.78 1.53
C LYS B 486 5.60 -6.15 2.08
N TYR B 487 6.46 -6.72 2.90
CA TYR B 487 6.30 -8.12 3.28
C TYR B 487 6.07 -8.27 4.77
N THR B 488 5.79 -7.15 5.43
CA THR B 488 5.57 -7.13 6.87
C THR B 488 4.40 -6.25 7.30
N GLU B 489 3.90 -6.51 8.51
CA GLU B 489 2.84 -5.72 9.14
C GLU B 489 3.38 -5.08 10.41
N LEU B 490 3.01 -3.82 10.65
CA LEU B 490 3.33 -3.14 11.91
C LEU B 490 2.39 -3.54 13.05
N LYS B 491 2.95 -3.70 14.25
CA LYS B 491 2.15 -3.99 15.42
C LYS B 491 2.56 -3.06 16.54
N SER B 492 1.58 -2.40 17.13
CA SER B 492 1.81 -1.59 18.31
C SER B 492 1.39 -2.38 19.54
N THR B 493 2.37 -2.77 20.35
CA THR B 493 2.09 -3.48 21.59
C THR B 493 2.29 -2.53 22.77
N TRP B 494 1.19 -2.18 23.39
CA TRP B 494 1.18 -1.20 24.45
C TRP B 494 0.97 -1.85 25.80
N ILE B 495 2.00 -1.81 26.63
CA ILE B 495 2.04 -2.60 27.85
C ILE B 495 1.96 -1.74 29.10
N LYS B 496 0.93 -1.94 29.90
CA LYS B 496 0.82 -1.18 31.13
C LYS B 496 1.62 -1.87 32.23
N LEU B 497 2.50 -1.11 32.86
CA LEU B 497 3.37 -1.63 33.90
C LEU B 497 2.86 -1.20 35.28
PA NAD C . -19.27 2.95 5.69
O1A NAD C . -18.26 2.09 4.98
O2A NAD C . -20.65 2.57 5.28
O5B NAD C . -19.03 4.47 5.26
C5B NAD C . -17.78 5.09 5.61
C4B NAD C . -17.48 6.19 4.53
O4B NAD C . -17.41 5.65 3.34
C3B NAD C . -18.62 7.18 4.50
O3B NAD C . -18.12 8.44 4.39
C2B NAD C . -19.41 6.73 3.24
O2B NAD C . -20.30 7.83 2.77
C1B NAD C . -18.47 6.40 2.40
N9A NAD C . -18.95 5.52 1.35
C8A NAD C . -20.01 4.68 1.41
N7A NAD C . -20.12 4.07 0.20
C5A NAD C . -19.14 4.53 -0.61
C6A NAD C . -18.79 4.25 -1.92
N6A NAD C . -19.42 3.36 -2.79
N1A NAD C . -17.74 4.86 -2.51
C2A NAD C . -17.03 5.75 -1.79
N3A NAD C . -17.36 6.04 -0.49
C4A NAD C . -18.41 5.43 0.10
O3 NAD C . -19.05 2.77 7.25
PN NAD C . -19.88 3.51 8.42
O1N NAD C . -21.35 3.41 8.11
O2N NAD C . -19.47 4.97 8.43
O5D NAD C . -19.66 2.75 9.81
C5D NAD C . -18.42 2.74 10.52
C4D NAD C . -17.47 1.56 10.07
O4D NAD C . -16.28 2.06 10.05
C3D NAD C . -17.38 0.39 11.06
O3D NAD C . -17.27 -0.81 10.43
C2D NAD C . -16.08 0.68 11.85
O2D NAD C . -15.45 -0.57 12.42
C1D NAD C . -15.31 1.19 10.98
N1N NAD C . -14.32 2.03 11.63
C2N NAD C . -12.97 1.75 11.50
C3N NAD C . -12.03 2.55 12.14
C7N NAD C . -10.54 2.22 12.01
O7N NAD C . -10.20 1.13 11.60
N7N NAD C . -9.58 3.15 12.37
C4N NAD C . -12.44 3.65 12.89
C5N NAD C . -13.78 3.95 13.01
C6N NAD C . -14.73 3.13 12.37
C IAC D . -9.57 5.28 20.34
C1 IAC D . -10.53 5.86 19.57
C2 IAC D . -11.21 7.02 20.01
C3 IAC D . -10.91 7.55 21.26
C4 IAC D . -9.93 6.96 22.06
C5 IAC D . -9.26 5.82 21.61
C7 IAC D . -10.63 5.13 18.39
C8 IAC D . -9.74 4.08 18.44
C17 IAC D . -11.57 5.47 17.26
C18 IAC D . -11.73 4.28 16.35
N IAC D . -9.08 4.16 19.64
O2 IAC D . -12.79 3.59 16.38
O3 IAC D . -10.81 4.03 15.54
PA NAD E . 2.26 -8.76 -18.24
O1A NAD E . 1.44 -7.83 -17.38
O2A NAD E . 1.52 -9.11 -19.49
O5B NAD E . 2.60 -10.09 -17.45
C5B NAD E . 3.37 -10.02 -16.22
C4B NAD E . 2.97 -11.19 -15.26
O4B NAD E . 1.71 -11.09 -14.90
C3B NAD E . 3.11 -12.54 -15.92
O3B NAD E . 3.61 -13.47 -15.04
C2B NAD E . 1.64 -12.87 -16.30
O2B NAD E . 1.47 -14.34 -16.51
C1B NAD E . 0.97 -12.44 -15.28
N9A NAD E . -0.42 -12.19 -15.61
C8A NAD E . -0.92 -11.88 -16.83
N7A NAD E . -2.27 -11.73 -16.71
C5A NAD E . -2.60 -11.95 -15.41
C6A NAD E . -3.81 -11.92 -14.75
N6A NAD E . -5.11 -11.65 -15.28
N1A NAD E . -3.86 -12.17 -13.43
C2A NAD E . -2.71 -12.45 -12.76
N3A NAD E . -1.51 -12.48 -13.40
C4A NAD E . -1.46 -12.23 -14.73
O3 NAD E . 3.61 -8.01 -18.59
PN NAD E . 4.71 -8.62 -19.60
O1N NAD E . 3.97 -9.28 -20.74
O2N NAD E . 5.54 -9.61 -18.82
O5D NAD E . 5.64 -7.45 -20.18
C5D NAD E . 6.57 -6.81 -19.31
C4D NAD E . 5.90 -5.56 -18.63
O4D NAD E . 6.35 -5.52 -17.42
C3D NAD E . 6.34 -4.24 -19.25
O3D NAD E . 5.30 -3.37 -19.34
C2D NAD E . 7.33 -3.63 -18.24
O2D NAD E . 7.21 -2.14 -18.28
C1D NAD E . 6.94 -4.06 -17.13
N1N NAD E . 8.06 -4.19 -16.23
C2N NAD E . 8.12 -3.43 -15.09
C3N NAD E . 9.20 -3.56 -14.22
C7N NAD E . 9.26 -2.70 -12.94
O7N NAD E . 8.41 -1.85 -12.76
N7N NAD E . 10.25 -2.90 -11.99
C4N NAD E . 10.22 -4.45 -14.53
C5N NAD E . 10.17 -5.22 -15.68
C6N NAD E . 9.08 -5.10 -16.54
C IAC F . 17.38 -3.57 -13.88
C1 IAC F . 16.78 -2.70 -14.74
C2 IAC F . 17.54 -1.93 -15.65
C3 IAC F . 18.92 -2.08 -15.64
C4 IAC F . 19.55 -2.96 -14.77
C5 IAC F . 18.79 -3.71 -13.88
C7 IAC F . 15.42 -2.77 -14.51
C8 IAC F . 15.19 -3.69 -13.51
C17 IAC F . 14.34 -2.01 -15.23
C18 IAC F . 13.18 -2.92 -15.05
N IAC F . 16.40 -4.19 -13.11
O2 IAC F . 12.83 -3.69 -15.99
O3 IAC F . 12.55 -2.92 -13.95
#